data_2XSL
# 
_entry.id   2XSL 
# 
_audit_conform.dict_name       mmcif_pdbx.dic 
_audit_conform.dict_version    5.391 
_audit_conform.dict_location   http://mmcif.pdb.org/dictionaries/ascii/mmcif_pdbx.dic 
# 
loop_
_database_2.database_id 
_database_2.database_code 
_database_2.pdbx_database_accession 
_database_2.pdbx_DOI 
PDB   2XSL         pdb_00002xsl 10.2210/pdb2xsl/pdb 
PDBE  EBI-45994    ?            ?                   
WWPDB D_1290045994 ?            ?                   
# 
loop_
_pdbx_audit_revision_history.ordinal 
_pdbx_audit_revision_history.data_content_type 
_pdbx_audit_revision_history.major_revision 
_pdbx_audit_revision_history.minor_revision 
_pdbx_audit_revision_history.revision_date 
1 'Structure model' 1 0 2011-08-10 
2 'Structure model' 1 1 2012-08-15 
3 'Structure model' 1 2 2019-07-17 
4 'Structure model' 1 3 2024-05-01 
# 
_pdbx_audit_revision_details.ordinal             1 
_pdbx_audit_revision_details.revision_ordinal    1 
_pdbx_audit_revision_details.data_content_type   'Structure model' 
_pdbx_audit_revision_details.provider            repository 
_pdbx_audit_revision_details.type                'Initial release' 
_pdbx_audit_revision_details.description         ? 
_pdbx_audit_revision_details.details             ? 
# 
loop_
_pdbx_audit_revision_group.ordinal 
_pdbx_audit_revision_group.revision_ordinal 
_pdbx_audit_revision_group.data_content_type 
_pdbx_audit_revision_group.group 
1 2 'Structure model' 'Database references'    
2 3 'Structure model' 'Data collection'        
3 4 'Structure model' 'Data collection'        
4 4 'Structure model' 'Database references'    
5 4 'Structure model' Other                    
6 4 'Structure model' 'Refinement description' 
# 
loop_
_pdbx_audit_revision_category.ordinal 
_pdbx_audit_revision_category.revision_ordinal 
_pdbx_audit_revision_category.data_content_type 
_pdbx_audit_revision_category.category 
1 3 'Structure model' diffrn_source                 
2 4 'Structure model' chem_comp_atom                
3 4 'Structure model' chem_comp_bond                
4 4 'Structure model' database_2                    
5 4 'Structure model' pdbx_database_status          
6 4 'Structure model' pdbx_initial_refinement_model 
# 
loop_
_pdbx_audit_revision_item.ordinal 
_pdbx_audit_revision_item.revision_ordinal 
_pdbx_audit_revision_item.data_content_type 
_pdbx_audit_revision_item.item 
1 3 'Structure model' '_diffrn_source.pdbx_synchrotron_site' 
2 4 'Structure model' '_database_2.pdbx_DOI'                 
3 4 'Structure model' '_database_2.pdbx_database_accession'  
4 4 'Structure model' '_pdbx_database_status.status_code_sf' 
# 
_pdbx_database_status.status_code                     REL 
_pdbx_database_status.entry_id                        2XSL 
_pdbx_database_status.deposit_site                    PDBE 
_pdbx_database_status.process_site                    PDBE 
_pdbx_database_status.SG_entry                        . 
_pdbx_database_status.recvd_initial_deposition_date   2010-10-29 
_pdbx_database_status.pdb_format_compatible           Y 
_pdbx_database_status.status_code_sf                  REL 
_pdbx_database_status.status_code_mr                  ? 
_pdbx_database_status.status_code_cs                  ? 
_pdbx_database_status.methods_development_category    ? 
_pdbx_database_status.status_code_nmr_data            ? 
# 
loop_
_audit_author.name 
_audit_author.pdbx_ordinal 
'Oberthuer, D.' 1 
'Eichert, A.'   2 
'Erdmann, V.A.' 3 
'Fuerste, J.P.' 4 
'Betzel, C.'    5 
'Foerster, C.'  6 
# 
_citation.id                        primary 
_citation.title                     
'The Crystal Structure of a Thermus Thermophilus tRNA(Gly) Acceptor Stem Microhelix at 1.6 A Resolution.' 
_citation.journal_abbrev            Biochem.Biophys.Res.Commun. 
_citation.journal_volume            404 
_citation.page_first                245 
_citation.page_last                 ? 
_citation.year                      2011 
_citation.journal_id_ASTM           BBRCA9 
_citation.country                   US 
_citation.journal_id_ISSN           0006-291X 
_citation.journal_id_CSD            0146 
_citation.book_publisher            ? 
_citation.pdbx_database_id_PubMed   21114959 
_citation.pdbx_database_id_DOI      10.1016/J.BBRC.2010.11.101 
# 
loop_
_citation_author.citation_id 
_citation_author.name 
_citation_author.ordinal 
_citation_author.identifier_ORCID 
primary 'Oberthur, D.'  1 ? 
primary 'Eichert, A.'   2 ? 
primary 'Erdmann, V.A.' 3 ? 
primary 'Furste, J.P.'  4 ? 
primary 'Betzel, C.'    5 ? 
primary 'Forster, C.'   6 ? 
# 
loop_
_entity.id 
_entity.type 
_entity.src_method 
_entity.pdbx_description 
_entity.formula_weight 
_entity.pdbx_number_of_molecules 
_entity.pdbx_ec 
_entity.pdbx_mutation 
_entity.pdbx_fragment 
_entity.details 
1 polymer syn "5'-R(*GP*CP*GP*GP*GP*AP*G)-3'" 2315.459 2  ? ? 'MICROHELIX, RESIDUES 1-7'   ? 
2 polymer syn "5'-R(*CP*UP*CP*CP*CP*GP*C)-3'" 2132.323 2  ? ? 'MICROHELIX, RESIDUES 66-72' ? 
3 water   nat water                           18.015   88 ? ? ?                            ? 
# 
loop_
_entity_name_com.entity_id 
_entity_name_com.name 
1 TRNAGLY 
2 TRNAGLY 
# 
loop_
_entity_poly.entity_id 
_entity_poly.type 
_entity_poly.nstd_linkage 
_entity_poly.nstd_monomer 
_entity_poly.pdbx_seq_one_letter_code 
_entity_poly.pdbx_seq_one_letter_code_can 
_entity_poly.pdbx_strand_id 
_entity_poly.pdbx_target_identifier 
1 polyribonucleotide no no GCGGGAG GCGGGAG A,C ? 
2 polyribonucleotide no no CUCCCGC CUCCCGC B,D ? 
# 
_pdbx_entity_nonpoly.entity_id   3 
_pdbx_entity_nonpoly.name        water 
_pdbx_entity_nonpoly.comp_id     HOH 
# 
loop_
_entity_poly_seq.entity_id 
_entity_poly_seq.num 
_entity_poly_seq.mon_id 
_entity_poly_seq.hetero 
1 1 G n 
1 2 C n 
1 3 G n 
1 4 G n 
1 5 G n 
1 6 A n 
1 7 G n 
2 1 C n 
2 2 U n 
2 3 C n 
2 4 C n 
2 5 C n 
2 6 G n 
2 7 C n 
# 
loop_
_pdbx_entity_src_syn.entity_id 
_pdbx_entity_src_syn.pdbx_src_id 
_pdbx_entity_src_syn.pdbx_alt_source_flag 
_pdbx_entity_src_syn.pdbx_beg_seq_num 
_pdbx_entity_src_syn.pdbx_end_seq_num 
_pdbx_entity_src_syn.organism_scientific 
_pdbx_entity_src_syn.organism_common_name 
_pdbx_entity_src_syn.ncbi_taxonomy_id 
_pdbx_entity_src_syn.details 
1 1 sample ? ? 'THERMUS THERMOPHILUS' ? 274 ? 
2 1 sample ? ? 'THERMUS THERMOPHILUS' ? 274 ? 
# 
loop_
_chem_comp.id 
_chem_comp.type 
_chem_comp.mon_nstd_flag 
_chem_comp.name 
_chem_comp.pdbx_synonyms 
_chem_comp.formula 
_chem_comp.formula_weight 
A   'RNA linking' y "ADENOSINE-5'-MONOPHOSPHATE" ? 'C10 H14 N5 O7 P' 347.221 
C   'RNA linking' y "CYTIDINE-5'-MONOPHOSPHATE"  ? 'C9 H14 N3 O8 P'  323.197 
G   'RNA linking' y "GUANOSINE-5'-MONOPHOSPHATE" ? 'C10 H14 N5 O8 P' 363.221 
HOH non-polymer   . WATER                        ? 'H2 O'            18.015  
U   'RNA linking' y "URIDINE-5'-MONOPHOSPHATE"   ? 'C9 H13 N2 O9 P'  324.181 
# 
loop_
_pdbx_poly_seq_scheme.asym_id 
_pdbx_poly_seq_scheme.entity_id 
_pdbx_poly_seq_scheme.seq_id 
_pdbx_poly_seq_scheme.mon_id 
_pdbx_poly_seq_scheme.ndb_seq_num 
_pdbx_poly_seq_scheme.pdb_seq_num 
_pdbx_poly_seq_scheme.auth_seq_num 
_pdbx_poly_seq_scheme.pdb_mon_id 
_pdbx_poly_seq_scheme.auth_mon_id 
_pdbx_poly_seq_scheme.pdb_strand_id 
_pdbx_poly_seq_scheme.pdb_ins_code 
_pdbx_poly_seq_scheme.hetero 
A 1 1 G 1 1  1  G G A . n 
A 1 2 C 2 2  2  C C A . n 
A 1 3 G 3 3  3  G G A . n 
A 1 4 G 4 4  4  G G A . n 
A 1 5 G 5 5  5  G G A . n 
A 1 6 A 6 6  6  A A A . n 
A 1 7 G 7 7  7  G G A . n 
B 2 1 C 1 66 66 C C B . n 
B 2 2 U 2 67 67 U U B . n 
B 2 3 C 3 68 68 C C B . n 
B 2 4 C 4 69 69 C C B . n 
B 2 5 C 5 70 70 C C B . n 
B 2 6 G 6 71 71 G G B . n 
B 2 7 C 7 72 72 C C B . n 
C 1 1 G 1 1  1  G G C . n 
C 1 2 C 2 2  2  C C C . n 
C 1 3 G 3 3  3  G G C . n 
C 1 4 G 4 4  4  G G C . n 
C 1 5 G 5 5  5  G G C . n 
C 1 6 A 6 6  6  A A C . n 
C 1 7 G 7 7  7  G G C . n 
D 2 1 C 1 66 66 C C D . n 
D 2 2 U 2 67 67 U U D . n 
D 2 3 C 3 68 68 C C D . n 
D 2 4 C 4 69 69 C C D . n 
D 2 5 C 5 70 70 C C D . n 
D 2 6 G 6 71 71 G G D . n 
D 2 7 C 7 72 72 C C D . n 
# 
loop_
_pdbx_nonpoly_scheme.asym_id 
_pdbx_nonpoly_scheme.entity_id 
_pdbx_nonpoly_scheme.mon_id 
_pdbx_nonpoly_scheme.ndb_seq_num 
_pdbx_nonpoly_scheme.pdb_seq_num 
_pdbx_nonpoly_scheme.auth_seq_num 
_pdbx_nonpoly_scheme.pdb_mon_id 
_pdbx_nonpoly_scheme.auth_mon_id 
_pdbx_nonpoly_scheme.pdb_strand_id 
_pdbx_nonpoly_scheme.pdb_ins_code 
E 3 HOH 1  2001 2001 HOH HOH A . 
E 3 HOH 2  2002 2002 HOH HOH A . 
E 3 HOH 3  2003 2003 HOH HOH A . 
E 3 HOH 4  2004 2004 HOH HOH A . 
E 3 HOH 5  2005 2005 HOH HOH A . 
E 3 HOH 6  2006 2006 HOH HOH A . 
E 3 HOH 7  2007 2007 HOH HOH A . 
E 3 HOH 8  2008 2008 HOH HOH A . 
E 3 HOH 9  2009 2009 HOH HOH A . 
E 3 HOH 10 2010 2010 HOH HOH A . 
E 3 HOH 11 2011 2011 HOH HOH A . 
E 3 HOH 12 2012 2012 HOH HOH A . 
E 3 HOH 13 2013 2013 HOH HOH A . 
E 3 HOH 14 2014 2014 HOH HOH A . 
E 3 HOH 15 2015 2015 HOH HOH A . 
E 3 HOH 16 2016 2016 HOH HOH A . 
E 3 HOH 17 2017 2017 HOH HOH A . 
E 3 HOH 18 2018 2018 HOH HOH A . 
E 3 HOH 19 2019 2019 HOH HOH A . 
E 3 HOH 20 2020 2020 HOH HOH A . 
E 3 HOH 21 2021 2021 HOH HOH A . 
E 3 HOH 22 2022 2022 HOH HOH A . 
F 3 HOH 1  2001 2001 HOH HOH B . 
F 3 HOH 2  2002 2002 HOH HOH B . 
F 3 HOH 3  2003 2003 HOH HOH B . 
F 3 HOH 4  2004 2004 HOH HOH B . 
F 3 HOH 5  2005 2005 HOH HOH B . 
F 3 HOH 6  2006 2006 HOH HOH B . 
F 3 HOH 7  2007 2007 HOH HOH B . 
F 3 HOH 8  2008 2008 HOH HOH B . 
F 3 HOH 9  2009 2009 HOH HOH B . 
F 3 HOH 10 2010 2010 HOH HOH B . 
F 3 HOH 11 2011 2011 HOH HOH B . 
F 3 HOH 12 2012 2012 HOH HOH B . 
F 3 HOH 13 2013 2013 HOH HOH B . 
F 3 HOH 14 2014 2014 HOH HOH B . 
F 3 HOH 15 2015 2015 HOH HOH B . 
F 3 HOH 16 2016 2016 HOH HOH B . 
F 3 HOH 17 2017 2017 HOH HOH B . 
G 3 HOH 1  2001 2001 HOH HOH C . 
G 3 HOH 2  2002 2002 HOH HOH C . 
G 3 HOH 3  2003 2003 HOH HOH C . 
G 3 HOH 4  2004 2004 HOH HOH C . 
G 3 HOH 5  2005 2005 HOH HOH C . 
G 3 HOH 6  2006 2006 HOH HOH C . 
G 3 HOH 7  2007 2007 HOH HOH C . 
G 3 HOH 8  2008 2008 HOH HOH C . 
G 3 HOH 9  2009 2009 HOH HOH C . 
G 3 HOH 10 2010 2010 HOH HOH C . 
G 3 HOH 11 2011 2011 HOH HOH C . 
G 3 HOH 12 2012 2012 HOH HOH C . 
G 3 HOH 13 2013 2013 HOH HOH C . 
G 3 HOH 14 2014 2014 HOH HOH C . 
G 3 HOH 15 2015 2015 HOH HOH C . 
G 3 HOH 16 2016 2016 HOH HOH C . 
G 3 HOH 17 2017 2017 HOH HOH C . 
G 3 HOH 18 2018 2018 HOH HOH C . 
G 3 HOH 19 2019 2019 HOH HOH C . 
G 3 HOH 20 2020 2020 HOH HOH C . 
G 3 HOH 21 2021 2021 HOH HOH C . 
G 3 HOH 22 2022 2022 HOH HOH C . 
G 3 HOH 23 2023 2023 HOH HOH C . 
G 3 HOH 24 2024 2024 HOH HOH C . 
G 3 HOH 25 2025 2025 HOH HOH C . 
H 3 HOH 1  2001 2001 HOH HOH D . 
H 3 HOH 2  2002 2002 HOH HOH D . 
H 3 HOH 3  2003 2003 HOH HOH D . 
H 3 HOH 4  2004 2004 HOH HOH D . 
H 3 HOH 5  2005 2005 HOH HOH D . 
H 3 HOH 6  2006 2006 HOH HOH D . 
H 3 HOH 7  2007 2007 HOH HOH D . 
H 3 HOH 8  2008 2008 HOH HOH D . 
H 3 HOH 9  2009 2009 HOH HOH D . 
H 3 HOH 10 2010 2010 HOH HOH D . 
H 3 HOH 11 2011 2011 HOH HOH D . 
H 3 HOH 12 2012 2012 HOH HOH D . 
H 3 HOH 13 2013 2013 HOH HOH D . 
H 3 HOH 14 2014 2014 HOH HOH D . 
H 3 HOH 15 2015 2015 HOH HOH D . 
H 3 HOH 16 2016 2016 HOH HOH D . 
H 3 HOH 17 2017 2017 HOH HOH D . 
H 3 HOH 18 2018 2018 HOH HOH D . 
H 3 HOH 19 2019 2019 HOH HOH D . 
H 3 HOH 20 2020 2020 HOH HOH D . 
H 3 HOH 21 2021 2021 HOH HOH D . 
H 3 HOH 22 2022 2022 HOH HOH D . 
H 3 HOH 23 2023 2023 HOH HOH D . 
H 3 HOH 24 2024 2024 HOH HOH D . 
# 
loop_
_software.name 
_software.classification 
_software.version 
_software.citation_id 
_software.pdbx_ordinal 
REFMAC    refinement       5.5.0072 ? 1 
DENZO     'data reduction' .        ? 2 
SCALEPACK 'data scaling'   .        ? 3 
PHASER    phasing          .        ? 4 
# 
_cell.entry_id           2XSL 
_cell.length_a           26.187 
_cell.length_b           29.015 
_cell.length_c           29.534 
_cell.angle_alpha        107.17 
_cell.angle_beta         97.37 
_cell.angle_gamma        96.55 
_cell.Z_PDB              2 
_cell.pdbx_unique_axis   ? 
# 
_symmetry.entry_id                         2XSL 
_symmetry.space_group_name_H-M             'P 1' 
_symmetry.pdbx_full_space_group_name_H-M   ? 
_symmetry.cell_setting                     ? 
_symmetry.Int_Tables_number                1 
# 
_exptl.entry_id          2XSL 
_exptl.method            'X-RAY DIFFRACTION' 
_exptl.crystals_number   1 
# 
_exptl_crystal.id                    1 
_exptl_crystal.density_meas          ? 
_exptl_crystal.density_Matthews      2.52 
_exptl_crystal.density_percent_sol   62.59 
_exptl_crystal.description           NONE 
# 
_exptl_crystal_grow.crystal_id      1 
_exptl_crystal_grow.method          ? 
_exptl_crystal_grow.temp            ? 
_exptl_crystal_grow.temp_details    ? 
_exptl_crystal_grow.pH              7.0 
_exptl_crystal_grow.pdbx_pH_range   ? 
_exptl_crystal_grow.pdbx_details    
;0.5 MM RNA IN 40 MM SODIUM CACODYLATE, PH 7.0, 12 MM SPERMINE TETRA-HCL, 80 MM NACL AND 10 % (V/V) MPD, EQUILIBRATED AGAINST 35 % (V/V) MPD, ROOM TEMPERATURE.
;
# 
_diffrn.id                     1 
_diffrn.ambient_temp           100 
_diffrn.ambient_temp_details   ? 
_diffrn.crystal_id             1 
# 
_diffrn_detector.diffrn_id              1 
_diffrn_detector.detector               CCD 
_diffrn_detector.type                   'MARRESEARCH SX-165' 
_diffrn_detector.pdbx_collection_date   ? 
_diffrn_detector.details                ? 
# 
_diffrn_radiation.diffrn_id                        1 
_diffrn_radiation.wavelength_id                    1 
_diffrn_radiation.pdbx_monochromatic_or_laue_m_l   M 
_diffrn_radiation.monochromator                    ? 
_diffrn_radiation.pdbx_diffrn_protocol             'SINGLE WAVELENGTH' 
_diffrn_radiation.pdbx_scattering_type             x-ray 
# 
_diffrn_radiation_wavelength.id           1 
_diffrn_radiation_wavelength.wavelength   0.8123 
_diffrn_radiation_wavelength.wt           1.0 
# 
_diffrn_source.diffrn_id                   1 
_diffrn_source.source                      SYNCHROTRON 
_diffrn_source.type                        'EMBL/DESY, HAMBURG BEAMLINE X13' 
_diffrn_source.pdbx_synchrotron_site       'EMBL/DESY, HAMBURG' 
_diffrn_source.pdbx_synchrotron_beamline   X13 
_diffrn_source.pdbx_wavelength             0.8123 
_diffrn_source.pdbx_wavelength_list        ? 
# 
_reflns.pdbx_diffrn_id               1 
_reflns.pdbx_ordinal                 1 
_reflns.entry_id                     2XSL 
_reflns.observed_criterion_sigma_I   1.7 
_reflns.observed_criterion_sigma_F   ? 
_reflns.d_resolution_low             36.00 
_reflns.d_resolution_high            1.60 
_reflns.number_obs                   10142 
_reflns.number_all                   ? 
_reflns.percent_possible_obs         94.7 
_reflns.pdbx_Rmerge_I_obs            0.07 
_reflns.pdbx_Rsym_value              ? 
_reflns.pdbx_netI_over_sigmaI        14.50 
_reflns.B_iso_Wilson_estimate        ? 
_reflns.pdbx_redundancy              3.4 
# 
_reflns_shell.pdbx_diffrn_id         1 
_reflns_shell.pdbx_ordinal           1 
_reflns_shell.d_res_high             1.60 
_reflns_shell.d_res_low              1.63 
_reflns_shell.percent_possible_all   72.9 
_reflns_shell.Rmerge_I_obs           0.35 
_reflns_shell.pdbx_Rsym_value        ? 
_reflns_shell.meanI_over_sigI_obs    1.70 
_reflns_shell.pdbx_redundancy        2.1 
# 
_refine.pdbx_refine_id                           'X-RAY DIFFRACTION' 
_refine.entry_id                                 2XSL 
_refine.pdbx_diffrn_id                           1 
_refine.pdbx_TLS_residual_ADP_flag               ? 
_refine.ls_number_reflns_obs                     9648 
_refine.ls_number_reflns_all                     ? 
_refine.pdbx_ls_sigma_I                          ? 
_refine.pdbx_ls_sigma_F                          . 
_refine.pdbx_data_cutoff_high_absF               ? 
_refine.pdbx_data_cutoff_low_absF                ? 
_refine.pdbx_data_cutoff_high_rms_absF           ? 
_refine.ls_d_res_low                             27.80 
_refine.ls_d_res_high                            1.59 
_refine.ls_percent_reflns_obs                    93.37 
_refine.ls_R_factor_obs                          0.23898 
_refine.ls_R_factor_all                          ? 
_refine.ls_R_factor_R_work                       0.23690 
_refine.ls_R_factor_R_free                       0.28033 
_refine.ls_R_factor_R_free_error                 ? 
_refine.ls_R_factor_R_free_error_details         ? 
_refine.ls_percent_reflns_R_free                 4.8 
_refine.ls_number_reflns_R_free                  485 
_refine.ls_number_parameters                     ? 
_refine.ls_number_restraints                     ? 
_refine.occupancy_min                            ? 
_refine.occupancy_max                            ? 
_refine.correlation_coeff_Fo_to_Fc               0.952 
_refine.correlation_coeff_Fo_to_Fc_free          0.927 
_refine.B_iso_mean                               ? 
_refine.aniso_B[1][1]                            -0.01 
_refine.aniso_B[2][2]                            -0.02 
_refine.aniso_B[3][3]                            0.00 
_refine.aniso_B[1][2]                            -0.03 
_refine.aniso_B[1][3]                            -0.03 
_refine.aniso_B[2][3]                            -0.01 
_refine.solvent_model_details                    MASK 
_refine.solvent_model_param_ksol                 ? 
_refine.solvent_model_param_bsol                 ? 
_refine.pdbx_solvent_vdw_probe_radii             1.40 
_refine.pdbx_solvent_ion_probe_radii             0.80 
_refine.pdbx_solvent_shrinkage_radii             0.80 
_refine.pdbx_ls_cross_valid_method               THROUGHOUT 
_refine.details                                  'HYDROGENS HAVE BEEN ADDED IN THE RIDING POSITIONS.' 
_refine.pdbx_starting_model                      'ARTIFICIAL RNA' 
_refine.pdbx_method_to_determine_struct          'MOLECULAR REPLACEMENT' 
_refine.pdbx_isotropic_thermal_model             ? 
_refine.pdbx_stereochemistry_target_values       'MAXIMUM LIKELIHOOD' 
_refine.pdbx_stereochem_target_val_spec_case     ? 
_refine.pdbx_R_Free_selection_details            RANDOM 
_refine.pdbx_overall_ESU_R                       0.123 
_refine.pdbx_overall_ESU_R_Free                  0.123 
_refine.overall_SU_ML                            0.101 
_refine.pdbx_overall_phase_error                 ? 
_refine.overall_SU_B                             3.032 
_refine.overall_SU_R_Cruickshank_DPI             ? 
_refine.pdbx_overall_SU_R_free_Cruickshank_DPI   ? 
_refine.pdbx_overall_SU_R_Blow_DPI               ? 
_refine.pdbx_overall_SU_R_free_Blow_DPI          ? 
# 
_refine_hist.pdbx_refine_id                   'X-RAY DIFFRACTION' 
_refine_hist.cycle_id                         LAST 
_refine_hist.pdbx_number_atoms_protein        0 
_refine_hist.pdbx_number_atoms_nucleic_acid   588 
_refine_hist.pdbx_number_atoms_ligand         0 
_refine_hist.number_atoms_solvent             88 
_refine_hist.number_atoms_total               676 
_refine_hist.d_res_high                       1.59 
_refine_hist.d_res_low                        27.80 
# 
loop_
_refine_ls_restr.type 
_refine_ls_restr.dev_ideal 
_refine_ls_restr.dev_ideal_target 
_refine_ls_restr.weight 
_refine_ls_restr.number 
_refine_ls_restr.pdbx_refine_id 
_refine_ls_restr.pdbx_restraint_function 
r_bond_refined_d             0.025 0.021 ? 654  'X-RAY DIFFRACTION' ? 
r_bond_other_d               ?     ?     ? ?    'X-RAY DIFFRACTION' ? 
r_angle_refined_deg          3.138 3.000 ? 1014 'X-RAY DIFFRACTION' ? 
r_angle_other_deg            ?     ?     ? ?    'X-RAY DIFFRACTION' ? 
r_dihedral_angle_1_deg       ?     ?     ? ?    'X-RAY DIFFRACTION' ? 
r_dihedral_angle_2_deg       ?     ?     ? ?    'X-RAY DIFFRACTION' ? 
r_dihedral_angle_3_deg       ?     ?     ? ?    'X-RAY DIFFRACTION' ? 
r_dihedral_angle_4_deg       ?     ?     ? ?    'X-RAY DIFFRACTION' ? 
r_chiral_restr               0.109 0.200 ? 112  'X-RAY DIFFRACTION' ? 
r_gen_planes_refined         0.017 0.020 ? 292  'X-RAY DIFFRACTION' ? 
r_gen_planes_other           ?     ?     ? ?    'X-RAY DIFFRACTION' ? 
r_nbd_refined                ?     ?     ? ?    'X-RAY DIFFRACTION' ? 
r_nbd_other                  ?     ?     ? ?    'X-RAY DIFFRACTION' ? 
r_nbtor_refined              ?     ?     ? ?    'X-RAY DIFFRACTION' ? 
r_nbtor_other                ?     ?     ? ?    'X-RAY DIFFRACTION' ? 
r_xyhbond_nbd_refined        ?     ?     ? ?    'X-RAY DIFFRACTION' ? 
r_xyhbond_nbd_other          ?     ?     ? ?    'X-RAY DIFFRACTION' ? 
r_metal_ion_refined          ?     ?     ? ?    'X-RAY DIFFRACTION' ? 
r_metal_ion_other            ?     ?     ? ?    'X-RAY DIFFRACTION' ? 
r_symmetry_vdw_refined       ?     ?     ? ?    'X-RAY DIFFRACTION' ? 
r_symmetry_vdw_other         ?     ?     ? ?    'X-RAY DIFFRACTION' ? 
r_symmetry_hbond_refined     ?     ?     ? ?    'X-RAY DIFFRACTION' ? 
r_symmetry_hbond_other       ?     ?     ? ?    'X-RAY DIFFRACTION' ? 
r_symmetry_metal_ion_refined ?     ?     ? ?    'X-RAY DIFFRACTION' ? 
r_symmetry_metal_ion_other   ?     ?     ? ?    'X-RAY DIFFRACTION' ? 
r_mcbond_it                  ?     ?     ? ?    'X-RAY DIFFRACTION' ? 
r_mcbond_other               ?     ?     ? ?    'X-RAY DIFFRACTION' ? 
r_mcangle_it                 ?     ?     ? ?    'X-RAY DIFFRACTION' ? 
r_mcangle_other              ?     ?     ? ?    'X-RAY DIFFRACTION' ? 
r_scbond_it                  2.149 3.000 ? 654  'X-RAY DIFFRACTION' ? 
r_scbond_other               ?     ?     ? ?    'X-RAY DIFFRACTION' ? 
r_scangle_it                 2.496 4.500 ? 1014 'X-RAY DIFFRACTION' ? 
r_scangle_other              ?     ?     ? ?    'X-RAY DIFFRACTION' ? 
r_long_range_B_refined       ?     ?     ? ?    'X-RAY DIFFRACTION' ? 
r_long_range_B_other         ?     ?     ? ?    'X-RAY DIFFRACTION' ? 
r_rigid_bond_restr           ?     ?     ? ?    'X-RAY DIFFRACTION' ? 
r_sphericity_free            ?     ?     ? ?    'X-RAY DIFFRACTION' ? 
r_sphericity_bonded          ?     ?     ? ?    'X-RAY DIFFRACTION' ? 
# 
loop_
_refine_ls_restr_ncs.dom_id 
_refine_ls_restr_ncs.pdbx_auth_asym_id 
_refine_ls_restr_ncs.pdbx_number 
_refine_ls_restr_ncs.rms_dev_position 
_refine_ls_restr_ncs.weight_position 
_refine_ls_restr_ncs.pdbx_type 
_refine_ls_restr_ncs.pdbx_ens_id 
_refine_ls_restr_ncs.pdbx_ordinal 
_refine_ls_restr_ncs.pdbx_refine_id 
_refine_ls_restr_ncs.ncs_model_details 
_refine_ls_restr_ncs.rms_dev_B_iso 
_refine_ls_restr_ncs.weight_B_iso 
_refine_ls_restr_ncs.pdbx_asym_id 
_refine_ls_restr_ncs.pdbx_rms 
_refine_ls_restr_ncs.pdbx_weight 
1 A 154 0.20 0.05 'tight positional' 1 1 'X-RAY DIFFRACTION' ? ? ? ? ? ? 
1 B 154 0.20 0.05 'tight positional' 1 2 'X-RAY DIFFRACTION' ? ? ? ? ? ? 
1 B 140 0.24 0.05 'tight positional' 2 3 'X-RAY DIFFRACTION' ? ? ? ? ? ? 
2 D 140 0.24 0.05 'tight positional' 2 4 'X-RAY DIFFRACTION' ? ? ? ? ? ? 
1 A 154 0.55 0.50 'tight thermal'    1 5 'X-RAY DIFFRACTION' ? ? ? ? ? ? 
1 B 154 0.55 0.50 'tight thermal'    1 6 'X-RAY DIFFRACTION' ? ? ? ? ? ? 
1 B 140 0.77 0.50 'tight thermal'    2 7 'X-RAY DIFFRACTION' ? ? ? ? ? ? 
2 D 140 0.77 0.50 'tight thermal'    2 8 'X-RAY DIFFRACTION' ? ? ? ? ? ? 
# 
_refine_ls_shell.pdbx_refine_id                   'X-RAY DIFFRACTION' 
_refine_ls_shell.pdbx_total_number_of_bins_used   20 
_refine_ls_shell.d_res_high                       1.594 
_refine_ls_shell.d_res_low                        1.636 
_refine_ls_shell.number_reflns_R_work             483 
_refine_ls_shell.R_factor_R_work                  0.453 
_refine_ls_shell.percent_reflns_obs               62.62 
_refine_ls_shell.R_factor_R_free                  0.444 
_refine_ls_shell.R_factor_R_free_error            ? 
_refine_ls_shell.percent_reflns_R_free            ? 
_refine_ls_shell.number_reflns_R_free             23 
_refine_ls_shell.number_reflns_all                ? 
_refine_ls_shell.R_factor_all                     ? 
# 
loop_
_struct_ncs_dom.id 
_struct_ncs_dom.details 
_struct_ncs_dom.pdbx_ens_id 
1 A 1 
2 C 1 
1 B 2 
2 D 2 
# 
loop_
_struct_ncs_dom_lim.dom_id 
_struct_ncs_dom_lim.beg_auth_asym_id 
_struct_ncs_dom_lim.beg_auth_seq_id 
_struct_ncs_dom_lim.end_auth_asym_id 
_struct_ncs_dom_lim.end_auth_seq_id 
_struct_ncs_dom_lim.pdbx_component_id 
_struct_ncs_dom_lim.pdbx_refine_code 
_struct_ncs_dom_lim.beg_label_asym_id 
_struct_ncs_dom_lim.beg_label_comp_id 
_struct_ncs_dom_lim.beg_label_seq_id 
_struct_ncs_dom_lim.beg_label_alt_id 
_struct_ncs_dom_lim.end_label_asym_id 
_struct_ncs_dom_lim.end_label_comp_id 
_struct_ncs_dom_lim.end_label_seq_id 
_struct_ncs_dom_lim.end_label_alt_id 
_struct_ncs_dom_lim.pdbx_ens_id 
_struct_ncs_dom_lim.selection_details 
_struct_ncs_dom_lim.beg_auth_comp_id 
_struct_ncs_dom_lim.end_auth_comp_id 
1 A 1 A 7  1 1 ? ? ? ? ? ? ? ? 1 ? ? ? 
2 C 1 C 7  1 1 ? ? ? ? ? ? ? ? 1 ? ? ? 
1 B 8 B 14 1 1 ? ? ? ? ? ? ? ? 2 ? ? ? 
2 D 8 D 14 1 1 ? ? ? ? ? ? ? ? 2 ? ? ? 
# 
loop_
_struct_ncs_ens.id 
_struct_ncs_ens.details 
1 ? 
2 ? 
# 
_struct.entry_id                  2XSL 
_struct.title                     
'The crystal structure of a Thermus thermophilus tRNAGly acceptor stem microhelix at 1.6 Angstroem resolution' 
_struct.pdbx_model_details        ? 
_struct.pdbx_CASP_flag            ? 
_struct.pdbx_model_type_details   ? 
# 
_struct_keywords.entry_id        2XSL 
_struct_keywords.pdbx_keywords   RNA 
_struct_keywords.text            'RNA, IDENTITY ELEMENTS, GLYCYL-TRNA SYNTHETASE (GLYRS), RNA HYDRATION' 
# 
loop_
_struct_asym.id 
_struct_asym.pdbx_blank_PDB_chainid_flag 
_struct_asym.pdbx_modified 
_struct_asym.entity_id 
_struct_asym.details 
A N N 1 ? 
B N N 2 ? 
C N N 1 ? 
D N N 2 ? 
E N N 3 ? 
F N N 3 ? 
G N N 3 ? 
H N N 3 ? 
# 
loop_
_struct_ref.id 
_struct_ref.db_name 
_struct_ref.db_code 
_struct_ref.entity_id 
_struct_ref.pdbx_seq_one_letter_code 
_struct_ref.pdbx_align_begin 
_struct_ref.pdbx_db_accession 
_struct_ref.pdbx_db_isoform 
1 GB NC_006461 1 ? ? 55979969 ? 
2 GB NC_006461 2 ? ? 55979969 ? 
# 
loop_
_struct_ref_seq.align_id 
_struct_ref_seq.ref_id 
_struct_ref_seq.pdbx_PDB_id_code 
_struct_ref_seq.pdbx_strand_id 
_struct_ref_seq.seq_align_beg 
_struct_ref_seq.pdbx_seq_align_beg_ins_code 
_struct_ref_seq.seq_align_end 
_struct_ref_seq.pdbx_seq_align_end_ins_code 
_struct_ref_seq.pdbx_db_accession 
_struct_ref_seq.db_align_beg 
_struct_ref_seq.pdbx_db_align_beg_ins_code 
_struct_ref_seq.db_align_end 
_struct_ref_seq.pdbx_db_align_end_ins_code 
_struct_ref_seq.pdbx_auth_seq_align_beg 
_struct_ref_seq.pdbx_auth_seq_align_end 
1 1 2XSL A 1 ? 7 ? 55979969 12366 ? 12372 ? 1  7  
2 1 2XSL C 1 ? 7 ? 55979969 12366 ? 12372 ? 1  7  
3 2 2XSL B 1 ? 7 ? 55979969 12431 ? 12437 ? 66 72 
4 2 2XSL D 1 ? 7 ? 55979969 12431 ? 12437 ? 66 72 
# 
loop_
_pdbx_struct_assembly.id 
_pdbx_struct_assembly.details 
_pdbx_struct_assembly.method_details 
_pdbx_struct_assembly.oligomeric_details 
_pdbx_struct_assembly.oligomeric_count 
1 software_defined_assembly PISA dimeric 2 
2 software_defined_assembly PISA dimeric 2 
# 
loop_
_pdbx_struct_assembly_prop.biol_id 
_pdbx_struct_assembly_prop.type 
_pdbx_struct_assembly_prop.value 
_pdbx_struct_assembly_prop.details 
1 'ABSA (A^2)' 710  ? 
1 MORE         -4.4 ? 
1 'SSA (A^2)'  2760 ? 
2 'ABSA (A^2)' 710  ? 
2 MORE         -3.8 ? 
2 'SSA (A^2)'  2750 ? 
# 
loop_
_pdbx_struct_assembly_gen.assembly_id 
_pdbx_struct_assembly_gen.oper_expression 
_pdbx_struct_assembly_gen.asym_id_list 
1 1 A,B,E,F 
2 1 C,D,G,H 
# 
_pdbx_struct_oper_list.id                   1 
_pdbx_struct_oper_list.type                 'identity operation' 
_pdbx_struct_oper_list.name                 1_555 
_pdbx_struct_oper_list.symmetry_operation   x,y,z 
_pdbx_struct_oper_list.matrix[1][1]         1.0000000000 
_pdbx_struct_oper_list.matrix[1][2]         0.0000000000 
_pdbx_struct_oper_list.matrix[1][3]         0.0000000000 
_pdbx_struct_oper_list.vector[1]            0.0000000000 
_pdbx_struct_oper_list.matrix[2][1]         0.0000000000 
_pdbx_struct_oper_list.matrix[2][2]         1.0000000000 
_pdbx_struct_oper_list.matrix[2][3]         0.0000000000 
_pdbx_struct_oper_list.vector[2]            0.0000000000 
_pdbx_struct_oper_list.matrix[3][1]         0.0000000000 
_pdbx_struct_oper_list.matrix[3][2]         0.0000000000 
_pdbx_struct_oper_list.matrix[3][3]         1.0000000000 
_pdbx_struct_oper_list.vector[3]            0.0000000000 
# 
_struct_biol.id   1 
# 
loop_
_struct_conn.id 
_struct_conn.conn_type_id 
_struct_conn.pdbx_leaving_atom_flag 
_struct_conn.pdbx_PDB_id 
_struct_conn.ptnr1_label_asym_id 
_struct_conn.ptnr1_label_comp_id 
_struct_conn.ptnr1_label_seq_id 
_struct_conn.ptnr1_label_atom_id 
_struct_conn.pdbx_ptnr1_label_alt_id 
_struct_conn.pdbx_ptnr1_PDB_ins_code 
_struct_conn.pdbx_ptnr1_standard_comp_id 
_struct_conn.ptnr1_symmetry 
_struct_conn.ptnr2_label_asym_id 
_struct_conn.ptnr2_label_comp_id 
_struct_conn.ptnr2_label_seq_id 
_struct_conn.ptnr2_label_atom_id 
_struct_conn.pdbx_ptnr2_label_alt_id 
_struct_conn.pdbx_ptnr2_PDB_ins_code 
_struct_conn.ptnr1_auth_asym_id 
_struct_conn.ptnr1_auth_comp_id 
_struct_conn.ptnr1_auth_seq_id 
_struct_conn.ptnr2_auth_asym_id 
_struct_conn.ptnr2_auth_comp_id 
_struct_conn.ptnr2_auth_seq_id 
_struct_conn.ptnr2_symmetry 
_struct_conn.pdbx_ptnr3_label_atom_id 
_struct_conn.pdbx_ptnr3_label_seq_id 
_struct_conn.pdbx_ptnr3_label_comp_id 
_struct_conn.pdbx_ptnr3_label_asym_id 
_struct_conn.pdbx_ptnr3_label_alt_id 
_struct_conn.pdbx_ptnr3_PDB_ins_code 
_struct_conn.details 
_struct_conn.pdbx_dist_value 
_struct_conn.pdbx_value_order 
_struct_conn.pdbx_role 
hydrog1  hydrog ? ? A G 1 N1 ? ? ? 1_555 B C 7 N3 ? ? A G 1 B C 72 1_555 ? ? ? ? ? ? WATSON-CRICK ? ? ? 
hydrog2  hydrog ? ? A G 1 N2 ? ? ? 1_555 B C 7 O2 ? ? A G 1 B C 72 1_555 ? ? ? ? ? ? WATSON-CRICK ? ? ? 
hydrog3  hydrog ? ? A G 1 O6 ? ? ? 1_555 B C 7 N4 ? ? A G 1 B C 72 1_555 ? ? ? ? ? ? WATSON-CRICK ? ? ? 
hydrog4  hydrog ? ? A C 2 N3 ? ? ? 1_555 B G 6 N1 ? ? A C 2 B G 71 1_555 ? ? ? ? ? ? WATSON-CRICK ? ? ? 
hydrog5  hydrog ? ? A C 2 N4 ? ? ? 1_555 B G 6 O6 ? ? A C 2 B G 71 1_555 ? ? ? ? ? ? WATSON-CRICK ? ? ? 
hydrog6  hydrog ? ? A C 2 O2 ? ? ? 1_555 B G 6 N2 ? ? A C 2 B G 71 1_555 ? ? ? ? ? ? WATSON-CRICK ? ? ? 
hydrog7  hydrog ? ? A G 3 N1 ? ? ? 1_555 B C 5 N3 ? ? A G 3 B C 70 1_555 ? ? ? ? ? ? WATSON-CRICK ? ? ? 
hydrog8  hydrog ? ? A G 3 N2 ? ? ? 1_555 B C 5 O2 ? ? A G 3 B C 70 1_555 ? ? ? ? ? ? WATSON-CRICK ? ? ? 
hydrog9  hydrog ? ? A G 3 O6 ? ? ? 1_555 B C 5 N4 ? ? A G 3 B C 70 1_555 ? ? ? ? ? ? WATSON-CRICK ? ? ? 
hydrog10 hydrog ? ? A G 4 N1 ? ? ? 1_555 B C 4 N3 ? ? A G 4 B C 69 1_555 ? ? ? ? ? ? WATSON-CRICK ? ? ? 
hydrog11 hydrog ? ? A G 4 N2 ? ? ? 1_555 B C 4 O2 ? ? A G 4 B C 69 1_555 ? ? ? ? ? ? WATSON-CRICK ? ? ? 
hydrog12 hydrog ? ? A G 4 O6 ? ? ? 1_555 B C 4 N4 ? ? A G 4 B C 69 1_555 ? ? ? ? ? ? WATSON-CRICK ? ? ? 
hydrog13 hydrog ? ? A G 5 N1 ? ? ? 1_555 B C 3 N3 ? ? A G 5 B C 68 1_555 ? ? ? ? ? ? WATSON-CRICK ? ? ? 
hydrog14 hydrog ? ? A G 5 N2 ? ? ? 1_555 B C 3 O2 ? ? A G 5 B C 68 1_555 ? ? ? ? ? ? WATSON-CRICK ? ? ? 
hydrog15 hydrog ? ? A G 5 O6 ? ? ? 1_555 B C 3 N4 ? ? A G 5 B C 68 1_555 ? ? ? ? ? ? WATSON-CRICK ? ? ? 
hydrog16 hydrog ? ? A A 6 N1 ? ? ? 1_555 B U 2 N3 ? ? A A 6 B U 67 1_555 ? ? ? ? ? ? WATSON-CRICK ? ? ? 
hydrog17 hydrog ? ? A A 6 N6 ? ? ? 1_555 B U 2 O4 ? ? A A 6 B U 67 1_555 ? ? ? ? ? ? WATSON-CRICK ? ? ? 
hydrog18 hydrog ? ? A G 7 N1 ? ? ? 1_555 B C 1 N3 ? ? A G 7 B C 66 1_555 ? ? ? ? ? ? WATSON-CRICK ? ? ? 
hydrog19 hydrog ? ? A G 7 N2 ? ? ? 1_555 B C 1 O2 ? ? A G 7 B C 66 1_555 ? ? ? ? ? ? WATSON-CRICK ? ? ? 
hydrog20 hydrog ? ? A G 7 O6 ? ? ? 1_555 B C 1 N4 ? ? A G 7 B C 66 1_555 ? ? ? ? ? ? WATSON-CRICK ? ? ? 
hydrog21 hydrog ? ? C G 1 N1 ? ? ? 1_555 D C 7 N3 ? ? C G 1 D C 72 1_555 ? ? ? ? ? ? WATSON-CRICK ? ? ? 
hydrog22 hydrog ? ? C G 1 N2 ? ? ? 1_555 D C 7 O2 ? ? C G 1 D C 72 1_555 ? ? ? ? ? ? WATSON-CRICK ? ? ? 
hydrog23 hydrog ? ? C G 1 O6 ? ? ? 1_555 D C 7 N4 ? ? C G 1 D C 72 1_555 ? ? ? ? ? ? WATSON-CRICK ? ? ? 
hydrog24 hydrog ? ? C C 2 N3 ? ? ? 1_555 D G 6 N1 ? ? C C 2 D G 71 1_555 ? ? ? ? ? ? WATSON-CRICK ? ? ? 
hydrog25 hydrog ? ? C C 2 N4 ? ? ? 1_555 D G 6 O6 ? ? C C 2 D G 71 1_555 ? ? ? ? ? ? WATSON-CRICK ? ? ? 
hydrog26 hydrog ? ? C C 2 O2 ? ? ? 1_555 D G 6 N2 ? ? C C 2 D G 71 1_555 ? ? ? ? ? ? WATSON-CRICK ? ? ? 
hydrog27 hydrog ? ? C G 3 N1 ? ? ? 1_555 D C 5 N3 ? ? C G 3 D C 70 1_555 ? ? ? ? ? ? WATSON-CRICK ? ? ? 
hydrog28 hydrog ? ? C G 3 N2 ? ? ? 1_555 D C 5 O2 ? ? C G 3 D C 70 1_555 ? ? ? ? ? ? WATSON-CRICK ? ? ? 
hydrog29 hydrog ? ? C G 3 O6 ? ? ? 1_555 D C 5 N4 ? ? C G 3 D C 70 1_555 ? ? ? ? ? ? WATSON-CRICK ? ? ? 
hydrog30 hydrog ? ? C G 4 N1 ? ? ? 1_555 D C 4 N3 ? ? C G 4 D C 69 1_555 ? ? ? ? ? ? WATSON-CRICK ? ? ? 
hydrog31 hydrog ? ? C G 4 N2 ? ? ? 1_555 D C 4 O2 ? ? C G 4 D C 69 1_555 ? ? ? ? ? ? WATSON-CRICK ? ? ? 
hydrog32 hydrog ? ? C G 4 O6 ? ? ? 1_555 D C 4 N4 ? ? C G 4 D C 69 1_555 ? ? ? ? ? ? WATSON-CRICK ? ? ? 
hydrog33 hydrog ? ? C G 5 N1 ? ? ? 1_555 D C 3 N3 ? ? C G 5 D C 68 1_555 ? ? ? ? ? ? WATSON-CRICK ? ? ? 
hydrog34 hydrog ? ? C G 5 N2 ? ? ? 1_555 D C 3 O2 ? ? C G 5 D C 68 1_555 ? ? ? ? ? ? WATSON-CRICK ? ? ? 
hydrog35 hydrog ? ? C G 5 O6 ? ? ? 1_555 D C 3 N4 ? ? C G 5 D C 68 1_555 ? ? ? ? ? ? WATSON-CRICK ? ? ? 
hydrog36 hydrog ? ? C A 6 N1 ? ? ? 1_555 D U 2 N3 ? ? C A 6 D U 67 1_555 ? ? ? ? ? ? WATSON-CRICK ? ? ? 
hydrog37 hydrog ? ? C A 6 N6 ? ? ? 1_555 D U 2 O4 ? ? C A 6 D U 67 1_555 ? ? ? ? ? ? WATSON-CRICK ? ? ? 
hydrog38 hydrog ? ? C G 7 N1 ? ? ? 1_555 D C 1 N3 ? ? C G 7 D C 66 1_555 ? ? ? ? ? ? WATSON-CRICK ? ? ? 
hydrog39 hydrog ? ? C G 7 N2 ? ? ? 1_555 D C 1 O2 ? ? C G 7 D C 66 1_555 ? ? ? ? ? ? WATSON-CRICK ? ? ? 
hydrog40 hydrog ? ? C G 7 O6 ? ? ? 1_555 D C 1 N4 ? ? C G 7 D C 66 1_555 ? ? ? ? ? ? WATSON-CRICK ? ? ? 
# 
_struct_conn_type.id          hydrog 
_struct_conn_type.criteria    ? 
_struct_conn_type.reference   ? 
# 
loop_
_pdbx_validate_rmsd_bond.id 
_pdbx_validate_rmsd_bond.PDB_model_num 
_pdbx_validate_rmsd_bond.auth_atom_id_1 
_pdbx_validate_rmsd_bond.auth_asym_id_1 
_pdbx_validate_rmsd_bond.auth_comp_id_1 
_pdbx_validate_rmsd_bond.auth_seq_id_1 
_pdbx_validate_rmsd_bond.PDB_ins_code_1 
_pdbx_validate_rmsd_bond.label_alt_id_1 
_pdbx_validate_rmsd_bond.auth_atom_id_2 
_pdbx_validate_rmsd_bond.auth_asym_id_2 
_pdbx_validate_rmsd_bond.auth_comp_id_2 
_pdbx_validate_rmsd_bond.auth_seq_id_2 
_pdbx_validate_rmsd_bond.PDB_ins_code_2 
_pdbx_validate_rmsd_bond.label_alt_id_2 
_pdbx_validate_rmsd_bond.bond_value 
_pdbx_validate_rmsd_bond.bond_target_value 
_pdbx_validate_rmsd_bond.bond_deviation 
_pdbx_validate_rmsd_bond.bond_standard_deviation 
_pdbx_validate_rmsd_bond.linker_flag 
1  1 N3    A G 3  ? ? C4    A G 3  ? ? 1.418 1.350 0.068  0.007 N 
2  1 "O5'" A G 4  ? ? "C5'" A G 4  ? ? 1.364 1.420 -0.056 0.009 N 
3  1 N3    A G 4  ? ? C4    A G 4  ? ? 1.394 1.350 0.044  0.007 N 
4  1 P     A G 5  ? ? "O5'" A G 5  ? ? 1.503 1.593 -0.090 0.010 N 
5  1 C2    A G 7  ? ? N3    A G 7  ? ? 1.386 1.323 0.063  0.008 N 
6  1 P     B U 67 ? ? "O5'" B U 67 ? ? 1.513 1.593 -0.080 0.010 N 
7  1 N1    B C 69 ? ? C2    B C 69 ? ? 1.464 1.397 0.067  0.010 N 
8  1 N3    B C 69 ? ? C4    B C 69 ? ? 1.290 1.335 -0.045 0.007 N 
9  1 P     B C 70 ? ? "O5'" B C 70 ? ? 1.532 1.593 -0.061 0.010 N 
10 1 C2    C G 1  ? ? N3    C G 1  ? ? 1.382 1.323 0.059  0.008 N 
11 1 C2    C G 3  ? ? N3    C G 3  ? ? 1.373 1.323 0.050  0.008 N 
12 1 C5    C G 4  ? ? C6    C G 4  ? ? 1.355 1.419 -0.064 0.010 N 
13 1 C5    C A 6  ? ? N7    C A 6  ? ? 1.345 1.388 -0.043 0.006 N 
14 1 N9    C A 6  ? ? C4    C A 6  ? ? 1.413 1.374 0.039  0.006 N 
15 1 "O3'" C G 7  ? ? "C3'" C G 7  ? ? 1.512 1.427 0.085  0.012 N 
16 1 C2    C G 7  ? ? N3    C G 7  ? ? 1.383 1.323 0.060  0.008 N 
17 1 "C1'" D C 68 ? ? N1    D C 68 ? ? 1.585 1.483 0.102  0.015 N 
18 1 "O3'" D C 68 ? ? P     D C 69 ? ? 1.534 1.607 -0.073 0.012 Y 
19 1 "O5'" D C 69 ? ? "C5'" D C 69 ? ? 1.357 1.420 -0.063 0.009 N 
20 1 N3    D C 70 ? ? C4    D C 70 ? ? 1.292 1.335 -0.043 0.007 N 
21 1 C8    D G 71 ? ? N9    D G 71 ? ? 1.329 1.374 -0.045 0.007 N 
22 1 N3    D C 72 ? ? C4    D C 72 ? ? 1.288 1.335 -0.047 0.007 N 
# 
loop_
_pdbx_validate_rmsd_angle.id 
_pdbx_validate_rmsd_angle.PDB_model_num 
_pdbx_validate_rmsd_angle.auth_atom_id_1 
_pdbx_validate_rmsd_angle.auth_asym_id_1 
_pdbx_validate_rmsd_angle.auth_comp_id_1 
_pdbx_validate_rmsd_angle.auth_seq_id_1 
_pdbx_validate_rmsd_angle.PDB_ins_code_1 
_pdbx_validate_rmsd_angle.label_alt_id_1 
_pdbx_validate_rmsd_angle.auth_atom_id_2 
_pdbx_validate_rmsd_angle.auth_asym_id_2 
_pdbx_validate_rmsd_angle.auth_comp_id_2 
_pdbx_validate_rmsd_angle.auth_seq_id_2 
_pdbx_validate_rmsd_angle.PDB_ins_code_2 
_pdbx_validate_rmsd_angle.label_alt_id_2 
_pdbx_validate_rmsd_angle.auth_atom_id_3 
_pdbx_validate_rmsd_angle.auth_asym_id_3 
_pdbx_validate_rmsd_angle.auth_comp_id_3 
_pdbx_validate_rmsd_angle.auth_seq_id_3 
_pdbx_validate_rmsd_angle.PDB_ins_code_3 
_pdbx_validate_rmsd_angle.label_alt_id_3 
_pdbx_validate_rmsd_angle.angle_value 
_pdbx_validate_rmsd_angle.angle_target_value 
_pdbx_validate_rmsd_angle.angle_deviation 
_pdbx_validate_rmsd_angle.angle_standard_deviation 
_pdbx_validate_rmsd_angle.linker_flag 
1  1 OP1   A C 2  ? ? P     A C 2  ? ? OP2   A C 2  ? ? 107.18 119.60 -12.42 1.50 N 
2  1 "O5'" A C 2  ? ? P     A C 2  ? ? OP2   A C 2  ? ? 121.42 110.70 10.72  1.20 N 
3  1 P     A C 2  ? ? "O5'" A C 2  ? ? "C5'" A C 2  ? ? 132.75 120.90 11.85  1.60 N 
4  1 "C3'" A C 2  ? ? "C2'" A C 2  ? ? "C1'" A C 2  ? ? 96.94  101.30 -4.36  0.70 N 
5  1 C5    A C 2  ? ? C6    A C 2  ? ? N1    A C 2  ? ? 125.02 121.00 4.02   0.50 N 
6  1 N3    A C 2  ? ? C4    A C 2  ? ? N4    A C 2  ? ? 122.61 118.00 4.61   0.70 N 
7  1 OP1   A G 4  ? ? P     A G 4  ? ? OP2   A G 4  ? ? 129.18 119.60 9.58   1.50 N 
8  1 "O5'" A G 4  ? ? P     A G 4  ? ? OP2   A G 4  ? ? 91.14  105.70 -14.56 0.90 N 
9  1 C5    A G 4  ? ? C6    A G 4  ? ? O6    A G 4  ? ? 123.62 128.60 -4.98  0.60 N 
10 1 C6    A G 5  ? ? C5    A G 5  ? ? N7    A G 5  ? ? 134.63 130.40 4.23   0.60 N 
11 1 N3    A G 7  ? ? C2    A G 7  ? ? N2    A G 7  ? ? 124.56 119.90 4.66   0.70 N 
12 1 C4    B C 66 ? ? C5    B C 66 ? ? C6    B C 66 ? ? 114.31 117.40 -3.09  0.50 N 
13 1 C5    B C 66 ? ? C6    B C 66 ? ? N1    B C 66 ? ? 124.15 121.00 3.15   0.50 N 
14 1 "O5'" B U 67 ? ? P     B U 67 ? ? OP1   B U 67 ? ? 100.29 105.70 -5.41  0.90 N 
15 1 "O4'" B U 67 ? ? "C1'" B U 67 ? ? N1    B U 67 ? ? 100.93 108.20 -7.27  0.80 N 
16 1 C2    B U 67 ? ? N3    B U 67 ? ? C4    B U 67 ? ? 131.57 127.00 4.57   0.60 N 
17 1 C4    B U 67 ? ? C5    B U 67 ? ? C6    B U 67 ? ? 113.35 119.70 -6.35  0.60 N 
18 1 C5    B U 67 ? ? C6    B U 67 ? ? N1    B U 67 ? ? 127.50 122.70 4.80   0.50 N 
19 1 C6    B C 68 ? ? N1    B C 68 ? ? C2    B C 68 ? ? 116.88 120.30 -3.42  0.40 N 
20 1 N1    B C 68 ? ? C2    B C 68 ? ? N3    B C 68 ? ? 124.01 119.20 4.81   0.70 N 
21 1 N1    B C 68 ? ? C2    B C 68 ? ? O2    B C 68 ? ? 114.56 118.90 -4.34  0.60 N 
22 1 "O5'" B C 69 ? ? P     B C 69 ? ? OP1   B C 69 ? ? 98.49  105.70 -7.21  0.90 N 
23 1 "O4'" B C 69 ? ? "C1'" B C 69 ? ? N1    B C 69 ? ? 115.07 108.50 6.57   0.70 N 
24 1 N1    B C 69 ? ? C2    B C 69 ? ? N3    B C 69 ? ? 124.34 119.20 5.14   0.70 N 
25 1 C2    B C 69 ? ? N3    B C 69 ? ? C4    B C 69 ? ? 114.57 119.90 -5.33  0.50 N 
26 1 C4    B C 69 ? ? C5    B C 69 ? ? C6    B C 69 ? ? 125.43 117.40 8.03   0.50 N 
27 1 C5    B C 69 ? ? C6    B C 69 ? ? N1    B C 69 ? ? 114.67 121.00 -6.33  0.50 N 
28 1 N3    B C 69 ? ? C2    B C 69 ? ? O2    B C 69 ? ? 114.63 121.90 -7.27  0.70 N 
29 1 N3    B C 69 ? ? C4    B C 69 ? ? N4    B C 69 ? ? 113.20 118.00 -4.80  0.70 N 
30 1 C5    B C 69 ? ? C4    B C 69 ? ? N4    B C 69 ? ? 124.55 120.20 4.35   0.70 N 
31 1 "O4'" B C 70 ? ? "C1'" B C 70 ? ? N1    B C 70 ? ? 102.98 108.20 -5.22  0.80 N 
32 1 N3    B C 70 ? ? C4    B C 70 ? ? C5    B C 70 ? ? 124.86 121.90 2.96   0.40 N 
33 1 C4    B C 70 ? ? C5    B C 70 ? ? C6    B C 70 ? ? 112.55 117.40 -4.85  0.50 N 
34 1 N9    B G 71 ? ? C4    B G 71 ? ? C5    B G 71 ? ? 108.13 105.40 2.73   0.40 N 
35 1 N3    B G 71 ? ? C2    B G 71 ? ? N2    B G 71 ? ? 114.81 119.90 -5.09  0.70 N 
36 1 C2    B C 72 ? ? N3    B C 72 ? ? C4    B C 72 ? ? 123.78 119.90 3.88   0.50 N 
37 1 C4    B C 72 ? ? C5    B C 72 ? ? C6    B C 72 ? ? 112.85 117.40 -4.55  0.50 N 
38 1 C5    B C 72 ? ? C6    B C 72 ? ? N1    B C 72 ? ? 124.55 121.00 3.55   0.50 N 
39 1 N1    B C 72 ? ? C2    B C 72 ? ? O2    B C 72 ? ? 124.40 118.90 5.50   0.60 N 
40 1 C5    C G 1  ? ? C6    C G 1  ? ? N1    C G 1  ? ? 115.50 111.50 4.00   0.50 N 
41 1 N7    C G 1  ? ? C8    C G 1  ? ? N9    C G 1  ? ? 116.15 113.10 3.05   0.50 N 
42 1 C8    C G 1  ? ? N9    C G 1  ? ? C4    C G 1  ? ? 103.72 106.40 -2.68  0.40 N 
43 1 N3    C G 1  ? ? C2    C G 1  ? ? N2    C G 1  ? ? 124.85 119.90 4.95   0.70 N 
44 1 OP1   C C 2  ? ? P     C C 2  ? ? OP2   C C 2  ? ? 108.44 119.60 -11.16 1.50 N 
45 1 "O3'" C C 2  ? ? P     C G 3  ? ? OP2   C G 3  ? ? 118.46 110.50 7.96   1.10 Y 
46 1 C2    C G 3  ? ? N3    C G 3  ? ? C4    C G 3  ? ? 107.78 111.90 -4.12  0.50 N 
47 1 N3    C G 3  ? ? C4    C G 3  ? ? C5    C G 3  ? ? 131.73 128.60 3.13   0.50 N 
48 1 C4    C G 3  ? ? C5    C G 3  ? ? N7    C G 3  ? ? 113.51 110.80 2.71   0.40 N 
49 1 N9    C G 3  ? ? C4    C G 3  ? ? C5    C G 3  ? ? 102.47 105.40 -2.93  0.40 N 
50 1 N1    C G 3  ? ? C2    C G 3  ? ? N2    C G 3  ? ? 109.31 116.20 -6.89  0.90 N 
51 1 N3    C G 3  ? ? C2    C G 3  ? ? N2    C G 3  ? ? 126.49 119.90 6.59   0.70 N 
52 1 C5    C G 3  ? ? C6    C G 3  ? ? O6    C G 3  ? ? 123.45 128.60 -5.15  0.60 N 
53 1 "O5'" C G 4  ? ? P     C G 4  ? ? OP2   C G 4  ? ? 99.25  105.70 -6.45  0.90 N 
54 1 C8    C G 4  ? ? N9    C G 4  ? ? C4    C G 4  ? ? 109.15 106.40 2.75   0.40 N 
55 1 N3    C G 4  ? ? C2    C G 4  ? ? N2    C G 4  ? ? 124.93 119.90 5.03   0.70 N 
56 1 C5    C G 4  ? ? C6    C G 4  ? ? O6    C G 4  ? ? 124.29 128.60 -4.31  0.60 N 
57 1 "C4'" C G 5  ? ? "C3'" C G 5  ? ? "C2'" C G 5  ? ? 95.97  102.60 -6.63  1.00 N 
58 1 C5    C G 5  ? ? C6    C G 5  ? ? O6    C G 5  ? ? 124.57 128.60 -4.03  0.60 N 
59 1 C6    C A 6  ? ? N1    C A 6  ? ? C2    C A 6  ? ? 124.01 118.60 5.41   0.60 N 
60 1 C5    C A 6  ? ? C6    C A 6  ? ? N1    C A 6  ? ? 114.00 117.70 -3.70  0.50 N 
61 1 C8    C A 6  ? ? N9    C A 6  ? ? C4    C A 6  ? ? 103.00 105.80 -2.80  0.40 N 
62 1 C5    C G 7  ? ? C6    C G 7  ? ? N1    C G 7  ? ? 114.71 111.50 3.21   0.50 N 
63 1 C4    C G 7  ? ? C5    C G 7  ? ? N7    C G 7  ? ? 113.69 110.80 2.89   0.40 N 
64 1 C5    C G 7  ? ? N7    C G 7  ? ? C8    C G 7  ? ? 101.04 104.30 -3.26  0.50 N 
65 1 N3    C G 7  ? ? C2    C G 7  ? ? N2    C G 7  ? ? 124.18 119.90 4.28   0.70 N 
66 1 C6    D C 66 ? ? N1    D C 66 ? ? C2    D C 66 ? ? 116.81 120.30 -3.49  0.40 N 
67 1 C5    D C 66 ? ? C4    D C 66 ? ? N4    D C 66 ? ? 125.02 120.20 4.82   0.70 N 
68 1 N1    D U 67 ? ? C2    D U 67 ? ? O2    D U 67 ? ? 118.21 122.80 -4.59  0.70 N 
69 1 "C3'" D C 69 ? ? "C2'" D C 69 ? ? "C1'" D C 69 ? ? 96.09  101.30 -5.21  0.70 N 
70 1 N3    D C 69 ? ? C4    D C 69 ? ? C5    D C 69 ? ? 118.26 121.90 -3.64  0.40 N 
71 1 C4    D C 69 ? ? C5    D C 69 ? ? C6    D C 69 ? ? 121.41 117.40 4.01   0.50 N 
72 1 C5    D C 69 ? ? C4    D C 69 ? ? N4    D C 69 ? ? 124.46 120.20 4.26   0.70 N 
73 1 C6    D G 71 ? ? N1    D G 71 ? ? C2    D G 71 ? ? 121.24 125.10 -3.86  0.60 N 
74 1 C4    D G 71 ? ? C5    D G 71 ? ? N7    D G 71 ? ? 108.17 110.80 -2.63  0.40 N 
75 1 N3    D G 71 ? ? C2    D G 71 ? ? N2    D G 71 ? ? 115.52 119.90 -4.38  0.70 N 
76 1 C6    D C 72 ? ? N1    D C 72 ? ? C2    D C 72 ? ? 117.17 120.30 -3.13  0.40 N 
77 1 C2    D C 72 ? ? N3    D C 72 ? ? C4    D C 72 ? ? 123.07 119.90 3.17   0.50 N 
# 
loop_
_chem_comp_atom.comp_id 
_chem_comp_atom.atom_id 
_chem_comp_atom.type_symbol 
_chem_comp_atom.pdbx_aromatic_flag 
_chem_comp_atom.pdbx_stereo_config 
_chem_comp_atom.pdbx_ordinal 
A   OP3    O N N 1   
A   P      P N N 2   
A   OP1    O N N 3   
A   OP2    O N N 4   
A   "O5'"  O N N 5   
A   "C5'"  C N N 6   
A   "C4'"  C N R 7   
A   "O4'"  O N N 8   
A   "C3'"  C N S 9   
A   "O3'"  O N N 10  
A   "C2'"  C N R 11  
A   "O2'"  O N N 12  
A   "C1'"  C N R 13  
A   N9     N Y N 14  
A   C8     C Y N 15  
A   N7     N Y N 16  
A   C5     C Y N 17  
A   C6     C Y N 18  
A   N6     N N N 19  
A   N1     N Y N 20  
A   C2     C Y N 21  
A   N3     N Y N 22  
A   C4     C Y N 23  
A   HOP3   H N N 24  
A   HOP2   H N N 25  
A   "H5'"  H N N 26  
A   "H5''" H N N 27  
A   "H4'"  H N N 28  
A   "H3'"  H N N 29  
A   "HO3'" H N N 30  
A   "H2'"  H N N 31  
A   "HO2'" H N N 32  
A   "H1'"  H N N 33  
A   H8     H N N 34  
A   H61    H N N 35  
A   H62    H N N 36  
A   H2     H N N 37  
C   OP3    O N N 38  
C   P      P N N 39  
C   OP1    O N N 40  
C   OP2    O N N 41  
C   "O5'"  O N N 42  
C   "C5'"  C N N 43  
C   "C4'"  C N R 44  
C   "O4'"  O N N 45  
C   "C3'"  C N S 46  
C   "O3'"  O N N 47  
C   "C2'"  C N R 48  
C   "O2'"  O N N 49  
C   "C1'"  C N R 50  
C   N1     N N N 51  
C   C2     C N N 52  
C   O2     O N N 53  
C   N3     N N N 54  
C   C4     C N N 55  
C   N4     N N N 56  
C   C5     C N N 57  
C   C6     C N N 58  
C   HOP3   H N N 59  
C   HOP2   H N N 60  
C   "H5'"  H N N 61  
C   "H5''" H N N 62  
C   "H4'"  H N N 63  
C   "H3'"  H N N 64  
C   "HO3'" H N N 65  
C   "H2'"  H N N 66  
C   "HO2'" H N N 67  
C   "H1'"  H N N 68  
C   H41    H N N 69  
C   H42    H N N 70  
C   H5     H N N 71  
C   H6     H N N 72  
G   OP3    O N N 73  
G   P      P N N 74  
G   OP1    O N N 75  
G   OP2    O N N 76  
G   "O5'"  O N N 77  
G   "C5'"  C N N 78  
G   "C4'"  C N R 79  
G   "O4'"  O N N 80  
G   "C3'"  C N S 81  
G   "O3'"  O N N 82  
G   "C2'"  C N R 83  
G   "O2'"  O N N 84  
G   "C1'"  C N R 85  
G   N9     N Y N 86  
G   C8     C Y N 87  
G   N7     N Y N 88  
G   C5     C Y N 89  
G   C6     C N N 90  
G   O6     O N N 91  
G   N1     N N N 92  
G   C2     C N N 93  
G   N2     N N N 94  
G   N3     N N N 95  
G   C4     C Y N 96  
G   HOP3   H N N 97  
G   HOP2   H N N 98  
G   "H5'"  H N N 99  
G   "H5''" H N N 100 
G   "H4'"  H N N 101 
G   "H3'"  H N N 102 
G   "HO3'" H N N 103 
G   "H2'"  H N N 104 
G   "HO2'" H N N 105 
G   "H1'"  H N N 106 
G   H8     H N N 107 
G   H1     H N N 108 
G   H21    H N N 109 
G   H22    H N N 110 
HOH O      O N N 111 
HOH H1     H N N 112 
HOH H2     H N N 113 
U   OP3    O N N 114 
U   P      P N N 115 
U   OP1    O N N 116 
U   OP2    O N N 117 
U   "O5'"  O N N 118 
U   "C5'"  C N N 119 
U   "C4'"  C N R 120 
U   "O4'"  O N N 121 
U   "C3'"  C N S 122 
U   "O3'"  O N N 123 
U   "C2'"  C N R 124 
U   "O2'"  O N N 125 
U   "C1'"  C N R 126 
U   N1     N N N 127 
U   C2     C N N 128 
U   O2     O N N 129 
U   N3     N N N 130 
U   C4     C N N 131 
U   O4     O N N 132 
U   C5     C N N 133 
U   C6     C N N 134 
U   HOP3   H N N 135 
U   HOP2   H N N 136 
U   "H5'"  H N N 137 
U   "H5''" H N N 138 
U   "H4'"  H N N 139 
U   "H3'"  H N N 140 
U   "HO3'" H N N 141 
U   "H2'"  H N N 142 
U   "HO2'" H N N 143 
U   "H1'"  H N N 144 
U   H3     H N N 145 
U   H5     H N N 146 
U   H6     H N N 147 
# 
loop_
_chem_comp_bond.comp_id 
_chem_comp_bond.atom_id_1 
_chem_comp_bond.atom_id_2 
_chem_comp_bond.value_order 
_chem_comp_bond.pdbx_aromatic_flag 
_chem_comp_bond.pdbx_stereo_config 
_chem_comp_bond.pdbx_ordinal 
A   OP3   P      sing N N 1   
A   OP3   HOP3   sing N N 2   
A   P     OP1    doub N N 3   
A   P     OP2    sing N N 4   
A   P     "O5'"  sing N N 5   
A   OP2   HOP2   sing N N 6   
A   "O5'" "C5'"  sing N N 7   
A   "C5'" "C4'"  sing N N 8   
A   "C5'" "H5'"  sing N N 9   
A   "C5'" "H5''" sing N N 10  
A   "C4'" "O4'"  sing N N 11  
A   "C4'" "C3'"  sing N N 12  
A   "C4'" "H4'"  sing N N 13  
A   "O4'" "C1'"  sing N N 14  
A   "C3'" "O3'"  sing N N 15  
A   "C3'" "C2'"  sing N N 16  
A   "C3'" "H3'"  sing N N 17  
A   "O3'" "HO3'" sing N N 18  
A   "C2'" "O2'"  sing N N 19  
A   "C2'" "C1'"  sing N N 20  
A   "C2'" "H2'"  sing N N 21  
A   "O2'" "HO2'" sing N N 22  
A   "C1'" N9     sing N N 23  
A   "C1'" "H1'"  sing N N 24  
A   N9    C8     sing Y N 25  
A   N9    C4     sing Y N 26  
A   C8    N7     doub Y N 27  
A   C8    H8     sing N N 28  
A   N7    C5     sing Y N 29  
A   C5    C6     sing Y N 30  
A   C5    C4     doub Y N 31  
A   C6    N6     sing N N 32  
A   C6    N1     doub Y N 33  
A   N6    H61    sing N N 34  
A   N6    H62    sing N N 35  
A   N1    C2     sing Y N 36  
A   C2    N3     doub Y N 37  
A   C2    H2     sing N N 38  
A   N3    C4     sing Y N 39  
C   OP3   P      sing N N 40  
C   OP3   HOP3   sing N N 41  
C   P     OP1    doub N N 42  
C   P     OP2    sing N N 43  
C   P     "O5'"  sing N N 44  
C   OP2   HOP2   sing N N 45  
C   "O5'" "C5'"  sing N N 46  
C   "C5'" "C4'"  sing N N 47  
C   "C5'" "H5'"  sing N N 48  
C   "C5'" "H5''" sing N N 49  
C   "C4'" "O4'"  sing N N 50  
C   "C4'" "C3'"  sing N N 51  
C   "C4'" "H4'"  sing N N 52  
C   "O4'" "C1'"  sing N N 53  
C   "C3'" "O3'"  sing N N 54  
C   "C3'" "C2'"  sing N N 55  
C   "C3'" "H3'"  sing N N 56  
C   "O3'" "HO3'" sing N N 57  
C   "C2'" "O2'"  sing N N 58  
C   "C2'" "C1'"  sing N N 59  
C   "C2'" "H2'"  sing N N 60  
C   "O2'" "HO2'" sing N N 61  
C   "C1'" N1     sing N N 62  
C   "C1'" "H1'"  sing N N 63  
C   N1    C2     sing N N 64  
C   N1    C6     sing N N 65  
C   C2    O2     doub N N 66  
C   C2    N3     sing N N 67  
C   N3    C4     doub N N 68  
C   C4    N4     sing N N 69  
C   C4    C5     sing N N 70  
C   N4    H41    sing N N 71  
C   N4    H42    sing N N 72  
C   C5    C6     doub N N 73  
C   C5    H5     sing N N 74  
C   C6    H6     sing N N 75  
G   OP3   P      sing N N 76  
G   OP3   HOP3   sing N N 77  
G   P     OP1    doub N N 78  
G   P     OP2    sing N N 79  
G   P     "O5'"  sing N N 80  
G   OP2   HOP2   sing N N 81  
G   "O5'" "C5'"  sing N N 82  
G   "C5'" "C4'"  sing N N 83  
G   "C5'" "H5'"  sing N N 84  
G   "C5'" "H5''" sing N N 85  
G   "C4'" "O4'"  sing N N 86  
G   "C4'" "C3'"  sing N N 87  
G   "C4'" "H4'"  sing N N 88  
G   "O4'" "C1'"  sing N N 89  
G   "C3'" "O3'"  sing N N 90  
G   "C3'" "C2'"  sing N N 91  
G   "C3'" "H3'"  sing N N 92  
G   "O3'" "HO3'" sing N N 93  
G   "C2'" "O2'"  sing N N 94  
G   "C2'" "C1'"  sing N N 95  
G   "C2'" "H2'"  sing N N 96  
G   "O2'" "HO2'" sing N N 97  
G   "C1'" N9     sing N N 98  
G   "C1'" "H1'"  sing N N 99  
G   N9    C8     sing Y N 100 
G   N9    C4     sing Y N 101 
G   C8    N7     doub Y N 102 
G   C8    H8     sing N N 103 
G   N7    C5     sing Y N 104 
G   C5    C6     sing N N 105 
G   C5    C4     doub Y N 106 
G   C6    O6     doub N N 107 
G   C6    N1     sing N N 108 
G   N1    C2     sing N N 109 
G   N1    H1     sing N N 110 
G   C2    N2     sing N N 111 
G   C2    N3     doub N N 112 
G   N2    H21    sing N N 113 
G   N2    H22    sing N N 114 
G   N3    C4     sing N N 115 
HOH O     H1     sing N N 116 
HOH O     H2     sing N N 117 
U   OP3   P      sing N N 118 
U   OP3   HOP3   sing N N 119 
U   P     OP1    doub N N 120 
U   P     OP2    sing N N 121 
U   P     "O5'"  sing N N 122 
U   OP2   HOP2   sing N N 123 
U   "O5'" "C5'"  sing N N 124 
U   "C5'" "C4'"  sing N N 125 
U   "C5'" "H5'"  sing N N 126 
U   "C5'" "H5''" sing N N 127 
U   "C4'" "O4'"  sing N N 128 
U   "C4'" "C3'"  sing N N 129 
U   "C4'" "H4'"  sing N N 130 
U   "O4'" "C1'"  sing N N 131 
U   "C3'" "O3'"  sing N N 132 
U   "C3'" "C2'"  sing N N 133 
U   "C3'" "H3'"  sing N N 134 
U   "O3'" "HO3'" sing N N 135 
U   "C2'" "O2'"  sing N N 136 
U   "C2'" "C1'"  sing N N 137 
U   "C2'" "H2'"  sing N N 138 
U   "O2'" "HO2'" sing N N 139 
U   "C1'" N1     sing N N 140 
U   "C1'" "H1'"  sing N N 141 
U   N1    C2     sing N N 142 
U   N1    C6     sing N N 143 
U   C2    O2     doub N N 144 
U   C2    N3     sing N N 145 
U   N3    C4     sing N N 146 
U   N3    H3     sing N N 147 
U   C4    O4     doub N N 148 
U   C4    C5     sing N N 149 
U   C5    C6     doub N N 150 
U   C5    H5     sing N N 151 
U   C6    H6     sing N N 152 
# 
_ndb_struct_conf_na.entry_id   2XSL 
_ndb_struct_conf_na.feature    'a-form double helix' 
# 
loop_
_ndb_struct_na_base_pair.model_number 
_ndb_struct_na_base_pair.i_label_asym_id 
_ndb_struct_na_base_pair.i_label_comp_id 
_ndb_struct_na_base_pair.i_label_seq_id 
_ndb_struct_na_base_pair.i_symmetry 
_ndb_struct_na_base_pair.j_label_asym_id 
_ndb_struct_na_base_pair.j_label_comp_id 
_ndb_struct_na_base_pair.j_label_seq_id 
_ndb_struct_na_base_pair.j_symmetry 
_ndb_struct_na_base_pair.shear 
_ndb_struct_na_base_pair.stretch 
_ndb_struct_na_base_pair.stagger 
_ndb_struct_na_base_pair.buckle 
_ndb_struct_na_base_pair.propeller 
_ndb_struct_na_base_pair.opening 
_ndb_struct_na_base_pair.pair_number 
_ndb_struct_na_base_pair.pair_name 
_ndb_struct_na_base_pair.i_auth_asym_id 
_ndb_struct_na_base_pair.i_auth_seq_id 
_ndb_struct_na_base_pair.i_PDB_ins_code 
_ndb_struct_na_base_pair.j_auth_asym_id 
_ndb_struct_na_base_pair.j_auth_seq_id 
_ndb_struct_na_base_pair.j_PDB_ins_code 
_ndb_struct_na_base_pair.hbond_type_28 
_ndb_struct_na_base_pair.hbond_type_12 
1 A G 1 1_555 B C 7 1_555 -0.164 -0.202 0.034  -0.652  -3.998  -1.425 1  A_G1:C72_B A 1 ? B 72 ? 19 1 
1 A C 2 1_555 B G 6 1_555 0.229  -0.179 0.168  1.346   -9.038  1.375  2  A_C2:G71_B A 2 ? B 71 ? 19 1 
1 A G 3 1_555 B C 5 1_555 -0.136 -0.195 -0.181 -2.362  -9.479  -4.238 3  A_G3:C70_B A 3 ? B 70 ? 19 1 
1 A G 4 1_555 B C 4 1_555 -0.176 -0.106 0.018  -4.545  -10.473 2.429  4  A_G4:C69_B A 4 ? B 69 ? 19 1 
1 A G 5 1_555 B C 3 1_555 -0.195 -0.117 -0.007 -5.332  -14.796 3.178  5  A_G5:C68_B A 5 ? B 68 ? 19 1 
1 A A 6 1_555 B U 2 1_555 -0.172 0.018  -0.191 -6.739  -11.908 -0.656 6  A_A6:U67_B A 6 ? B 67 ? 20 1 
1 A G 7 1_555 B C 1 1_555 -0.357 -0.140 0.062  -5.983  -12.176 -2.394 7  A_G7:C66_B A 7 ? B 66 ? 19 1 
1 C G 1 1_555 D C 7 1_555 -0.279 -0.246 0.093  -1.558  -5.877  -0.617 8  C_G1:C72_D C 1 ? D 72 ? 19 1 
1 C C 2 1_555 D G 6 1_555 0.269  -0.160 0.023  5.588   -11.659 0.996  9  C_C2:G71_D C 2 ? D 71 ? 19 1 
1 C G 3 1_555 D C 5 1_555 -0.230 -0.090 -0.342 -7.397  -10.292 3.750  10 C_G3:C70_D C 3 ? D 70 ? 19 1 
1 C G 4 1_555 D C 4 1_555 -0.051 -0.099 -0.276 -5.007  -4.239  -1.815 11 C_G4:C69_D C 4 ? D 69 ? 19 1 
1 C G 5 1_555 D C 3 1_555 -0.124 -0.121 -0.104 -5.884  -13.247 3.897  12 C_G5:C68_D C 5 ? D 68 ? 19 1 
1 C A 6 1_555 D U 2 1_555 0.035  -0.138 -0.254 -10.917 -8.538  -0.917 13 C_A6:U67_D C 6 ? D 67 ? 20 1 
1 C G 7 1_555 D C 1 1_555 -0.252 -0.328 0.111  -5.376  -11.124 -3.064 14 C_G7:C66_D C 7 ? D 66 ? 19 1 
# 
loop_
_ndb_struct_na_base_pair_step.model_number 
_ndb_struct_na_base_pair_step.i_label_asym_id_1 
_ndb_struct_na_base_pair_step.i_label_comp_id_1 
_ndb_struct_na_base_pair_step.i_label_seq_id_1 
_ndb_struct_na_base_pair_step.i_symmetry_1 
_ndb_struct_na_base_pair_step.j_label_asym_id_1 
_ndb_struct_na_base_pair_step.j_label_comp_id_1 
_ndb_struct_na_base_pair_step.j_label_seq_id_1 
_ndb_struct_na_base_pair_step.j_symmetry_1 
_ndb_struct_na_base_pair_step.i_label_asym_id_2 
_ndb_struct_na_base_pair_step.i_label_comp_id_2 
_ndb_struct_na_base_pair_step.i_label_seq_id_2 
_ndb_struct_na_base_pair_step.i_symmetry_2 
_ndb_struct_na_base_pair_step.j_label_asym_id_2 
_ndb_struct_na_base_pair_step.j_label_comp_id_2 
_ndb_struct_na_base_pair_step.j_label_seq_id_2 
_ndb_struct_na_base_pair_step.j_symmetry_2 
_ndb_struct_na_base_pair_step.shift 
_ndb_struct_na_base_pair_step.slide 
_ndb_struct_na_base_pair_step.rise 
_ndb_struct_na_base_pair_step.tilt 
_ndb_struct_na_base_pair_step.roll 
_ndb_struct_na_base_pair_step.twist 
_ndb_struct_na_base_pair_step.x_displacement 
_ndb_struct_na_base_pair_step.y_displacement 
_ndb_struct_na_base_pair_step.helical_rise 
_ndb_struct_na_base_pair_step.inclination 
_ndb_struct_na_base_pair_step.tip 
_ndb_struct_na_base_pair_step.helical_twist 
_ndb_struct_na_base_pair_step.step_number 
_ndb_struct_na_base_pair_step.step_name 
_ndb_struct_na_base_pair_step.i_auth_asym_id_1 
_ndb_struct_na_base_pair_step.i_auth_seq_id_1 
_ndb_struct_na_base_pair_step.i_PDB_ins_code_1 
_ndb_struct_na_base_pair_step.j_auth_asym_id_1 
_ndb_struct_na_base_pair_step.j_auth_seq_id_1 
_ndb_struct_na_base_pair_step.j_PDB_ins_code_1 
_ndb_struct_na_base_pair_step.i_auth_asym_id_2 
_ndb_struct_na_base_pair_step.i_auth_seq_id_2 
_ndb_struct_na_base_pair_step.i_PDB_ins_code_2 
_ndb_struct_na_base_pair_step.j_auth_asym_id_2 
_ndb_struct_na_base_pair_step.j_auth_seq_id_2 
_ndb_struct_na_base_pair_step.j_PDB_ins_code_2 
1 A G 1 1_555 B C 7 1_555 A C 2 1_555 B G 6 1_555 -0.181 -1.892 3.278 -1.677 1.750 33.565 -3.550 0.043  3.183 3.026  2.899  33.650 
1  AA_G1C2:G71C72_BB A 1 ? B 72 ? A 2 ? B 71 ? 
1 A C 2 1_555 B G 6 1_555 A G 3 1_555 B C 5 1_555 -0.684 -1.746 3.290 0.748  8.695 29.451 -4.888 1.429  2.660 16.648 -1.433 30.690 
2  AA_C2G3:C70G71_BB A 2 ? B 71 ? A 3 ? B 70 ? 
1 A G 3 1_555 B C 5 1_555 A G 4 1_555 B C 4 1_555 0.580  -1.599 3.350 -1.974 5.999 30.630 -4.074 -1.440 2.949 11.207 3.687  31.259 
3  AA_G3G4:C69C70_BB A 3 ? B 70 ? A 4 ? B 69 ? 
1 A G 4 1_555 B C 4 1_555 A G 5 1_555 B C 3 1_555 0.749  -1.715 3.248 3.619  7.866 30.654 -4.482 -0.743 2.801 14.519 -6.680 31.825 
4  AA_G4G5:C68C69_BB A 4 ? B 69 ? A 5 ? B 68 ? 
1 A G 5 1_555 B C 3 1_555 A A 6 1_555 B U 2 1_555 -0.807 -1.203 3.334 1.395  5.059 33.165 -2.903 1.624  3.086 8.794  -2.426 33.567 
5  AA_G5A6:U67C68_BB A 5 ? B 68 ? A 6 ? B 67 ? 
1 A A 6 1_555 B U 2 1_555 A G 7 1_555 B C 1 1_555 0.520  -1.629 3.266 0.194  7.122 30.226 -4.336 -0.936 2.821 13.425 -0.367 31.035 
6  AA_A6G7:C66U67_BB A 6 ? B 67 ? A 7 ? B 66 ? 
1 C G 1 1_555 D C 7 1_555 C C 2 1_555 D G 6 1_555 -0.111 -1.643 3.111 -1.614 1.595 34.674 -2.980 -0.046 3.036 2.672  2.704  34.746 
7  CC_G1C2:G71C72_DD C 1 ? D 72 ? C 2 ? D 71 ? 
1 C C 2 1_555 D G 6 1_555 C G 3 1_555 D C 5 1_555 0.392  -1.759 3.540 2.352  9.714 29.257 -5.197 -0.277 2.846 18.561 -4.495 30.882 
8  CC_C2G3:C70G71_DD C 2 ? D 71 ? C 3 ? D 70 ? 
1 C G 3 1_555 D C 5 1_555 C G 4 1_555 D C 4 1_555 -0.445 -1.754 3.253 -0.567 5.000 31.407 -4.075 0.713  2.953 9.163  1.039  31.798 
9  CC_G3G4:C69C70_DD C 3 ? D 70 ? C 4 ? D 69 ? 
1 C G 4 1_555 D C 4 1_555 C G 5 1_555 D C 3 1_555 0.955  -1.807 3.304 0.471  6.968 28.978 -4.896 -1.765 2.817 13.675 -0.924 29.790 
10 CC_G4G5:C68C69_DD C 4 ? D 69 ? C 5 ? D 68 ? 
1 C G 5 1_555 D C 3 1_555 C A 6 1_555 D U 2 1_555 -0.792 -1.562 3.314 0.989  8.549 35.386 -3.639 1.400  2.850 13.813 -1.598 36.385 
11 CC_G5A6:U67C68_DD C 5 ? D 68 ? C 6 ? D 67 ? 
1 C A 6 1_555 D U 2 1_555 C G 7 1_555 D C 1 1_555 0.330  -1.727 3.141 0.605  4.694 28.431 -4.434 -0.539 2.832 9.474  -1.221 28.814 
12 CC_A6G7:C66U67_DD C 6 ? D 67 ? C 7 ? D 66 ? 
# 
_pdbx_initial_refinement_model.accession_code   ? 
_pdbx_initial_refinement_model.id               1 
_pdbx_initial_refinement_model.entity_id_list   ? 
_pdbx_initial_refinement_model.type             other 
_pdbx_initial_refinement_model.source_name      ? 
_pdbx_initial_refinement_model.details          'ARTIFICIAL RNA' 
# 
_atom_sites.entry_id                    2XSL 
_atom_sites.fract_transf_matrix[1][1]   0.03026954 
_atom_sites.fract_transf_matrix[1][2]   -0.00969639 
_atom_sites.fract_transf_matrix[1][3]   -0.02261664 
_atom_sites.fract_transf_matrix[2][1]   0.02523046 
_atom_sites.fract_transf_matrix[2][2]   -0.00525226 
_atom_sites.fract_transf_matrix[2][3]   0.02591124 
_atom_sites.fract_transf_matrix[3][1]   0.00185680 
_atom_sites.fract_transf_matrix[3][2]   -0.03522855 
_atom_sites.fract_transf_matrix[3][3]   0.00700390 
_atom_sites.fract_transf_vector[1]      -0.484871 
_atom_sites.fract_transf_vector[2]      -0.011692 
_atom_sites.fract_transf_vector[3]      -0.402865 
# 
loop_
_atom_type.symbol 
C 
N 
O 
P 
# 
loop_
_atom_site.group_PDB 
_atom_site.id 
_atom_site.type_symbol 
_atom_site.label_atom_id 
_atom_site.label_alt_id 
_atom_site.label_comp_id 
_atom_site.label_asym_id 
_atom_site.label_entity_id 
_atom_site.label_seq_id 
_atom_site.pdbx_PDB_ins_code 
_atom_site.Cartn_x 
_atom_site.Cartn_y 
_atom_site.Cartn_z 
_atom_site.occupancy 
_atom_site.B_iso_or_equiv 
_atom_site.pdbx_formal_charge 
_atom_site.auth_seq_id 
_atom_site.auth_comp_id 
_atom_site.auth_asym_id 
_atom_site.auth_atom_id 
_atom_site.pdbx_PDB_model_num 
ATOM   1   O "O5'" . G   A 1 1 ? -2.249  -17.315 -8.560  1.00 29.29 ? 1    G   A "O5'" 1 
ATOM   2   C "C5'" . G   A 1 1 ? -2.979  -18.203 -7.765  1.00 26.36 ? 1    G   A "C5'" 1 
ATOM   3   C "C4'" . G   A 1 1 ? -2.759  -18.098 -6.295  1.00 25.08 ? 1    G   A "C4'" 1 
ATOM   4   O "O4'" . G   A 1 1 ? -1.432  -18.596 -6.051  1.00 25.62 ? 1    G   A "O4'" 1 
ATOM   5   C "C3'" . G   A 1 1 ? -2.848  -16.724 -5.616  1.00 24.28 ? 1    G   A "C3'" 1 
ATOM   6   O "O3'" . G   A 1 1 ? -4.181  -16.380 -5.371  1.00 26.01 ? 1    G   A "O3'" 1 
ATOM   7   C "C2'" . G   A 1 1 ? -2.044  -17.031 -4.367  1.00 23.47 ? 1    G   A "C2'" 1 
ATOM   8   O "O2'" . G   A 1 1 ? -2.661  -17.833 -3.430  1.00 25.83 ? 1    G   A "O2'" 1 
ATOM   9   C "C1'" . G   A 1 1 ? -0.897  -17.854 -4.968  1.00 26.10 ? 1    G   A "C1'" 1 
ATOM   10  N N9    . G   A 1 1 ? 0.248   -17.064 -5.462  1.00 25.97 ? 1    G   A N9    1 
ATOM   11  C C8    . G   A 1 1 ? 0.611   -16.905 -6.784  1.00 22.66 ? 1    G   A C8    1 
ATOM   12  N N7    . G   A 1 1 ? 1.667   -16.137 -6.903  1.00 25.71 ? 1    G   A N7    1 
ATOM   13  C C5    . G   A 1 1 ? 1.994   -15.747 -5.611  1.00 22.23 ? 1    G   A C5    1 
ATOM   14  C C6    . G   A 1 1 ? 3.069   -14.931 -5.155  1.00 24.87 ? 1    G   A C6    1 
ATOM   15  O O6    . G   A 1 1 ? 3.912   -14.360 -5.837  1.00 28.85 ? 1    G   A O6    1 
ATOM   16  N N1    . G   A 1 1 ? 3.104   -14.790 -3.759  1.00 25.57 ? 1    G   A N1    1 
ATOM   17  C C2    . G   A 1 1 ? 2.152   -15.398 -2.926  1.00 24.14 ? 1    G   A C2    1 
ATOM   18  N N2    . G   A 1 1 ? 2.270   -15.169 -1.632  1.00 22.83 ? 1    G   A N2    1 
ATOM   19  N N3    . G   A 1 1 ? 1.127   -16.196 -3.347  1.00 23.39 ? 1    G   A N3    1 
ATOM   20  C C4    . G   A 1 1 ? 1.116   -16.296 -4.693  1.00 21.32 ? 1    G   A C4    1 
ATOM   21  P P     . C   A 1 2 ? -4.624  -14.807 -5.253  1.00 22.81 ? 2    C   A P     1 
ATOM   22  O OP1   . C   A 1 2 ? -6.095  -14.753 -5.252  1.00 27.84 ? 2    C   A OP1   1 
ATOM   23  O OP2   . C   A 1 2 ? -4.185  -14.186 -6.447  1.00 25.96 ? 2    C   A OP2   1 
ATOM   24  O "O5'" . C   A 1 2 ? -4.093  -14.318 -3.801  1.00 26.58 ? 2    C   A "O5'" 1 
ATOM   25  C "C5'" . C   A 1 2 ? -4.264  -14.827 -2.501  1.00 21.75 ? 2    C   A "C5'" 1 
ATOM   26  C "C4'" . C   A 1 2 ? -3.345  -14.216 -1.480  1.00 22.39 ? 2    C   A "C4'" 1 
ATOM   27  O "O4'" . C   A 1 2 ? -1.973  -14.540 -1.797  1.00 21.76 ? 2    C   A "O4'" 1 
ATOM   28  C "C3'" . C   A 1 2 ? -3.272  -12.702 -1.412  1.00 25.05 ? 2    C   A "C3'" 1 
ATOM   29  O "O3'" . C   A 1 2 ? -4.391  -12.151 -0.776  1.00 26.22 ? 2    C   A "O3'" 1 
ATOM   30  C "C2'" . C   A 1 2 ? -1.984  -12.459 -0.608  1.00 23.48 ? 2    C   A "C2'" 1 
ATOM   31  O "O2'" . C   A 1 2 ? -2.072  -12.716 0.806   1.00 23.67 ? 2    C   A "O2'" 1 
ATOM   32  C "C1'" . C   A 1 2 ? -1.104  -13.467 -1.358  1.00 22.84 ? 2    C   A "C1'" 1 
ATOM   33  N N1    . C   A 1 2 ? -0.415  -13.041 -2.553  1.00 21.49 ? 2    C   A N1    1 
ATOM   34  C C2    . C   A 1 2 ? 0.696   -12.199 -2.396  1.00 20.72 ? 2    C   A C2    1 
ATOM   35  O O2    . C   A 1 2 ? 1.025   -11.899 -1.282  1.00 22.31 ? 2    C   A O2    1 
ATOM   36  N N3    . C   A 1 2 ? 1.376   -11.852 -3.503  1.00 22.04 ? 2    C   A N3    1 
ATOM   37  C C4    . C   A 1 2 ? 0.977   -12.176 -4.718  1.00 20.11 ? 2    C   A C4    1 
ATOM   38  N N4    . C   A 1 2 ? 1.647   -11.862 -5.779  1.00 19.35 ? 2    C   A N4    1 
ATOM   39  C C5    . C   A 1 2 ? -0.152  -13.025 -4.916  1.00 21.27 ? 2    C   A C5    1 
ATOM   40  C C6    . C   A 1 2 ? -0.790  -13.384 -3.791  1.00 20.46 ? 2    C   A C6    1 
ATOM   41  P P     . G   A 1 3 ? -4.896  -10.689 -1.104  1.00 27.18 ? 3    G   A P     1 
ATOM   42  O OP1   . G   A 1 3 ? -6.151  -10.565 -0.312  1.00 32.22 ? 3    G   A OP1   1 
ATOM   43  O OP2   . G   A 1 3 ? -5.012  -10.444 -2.554  1.00 27.22 ? 3    G   A OP2   1 
ATOM   44  O "O5'" . G   A 1 3 ? -3.818  -9.725  -0.459  1.00 26.83 ? 3    G   A "O5'" 1 
ATOM   45  C "C5'" . G   A 1 3 ? -3.652  -9.698  0.919   1.00 27.31 ? 3    G   A "C5'" 1 
ATOM   46  C "C4'" . G   A 1 3 ? -2.494  -8.737  1.309   1.00 24.83 ? 3    G   A "C4'" 1 
ATOM   47  O "O4'" . G   A 1 3 ? -1.266  -9.286  0.796   1.00 26.31 ? 3    G   A "O4'" 1 
ATOM   48  C "C3'" . G   A 1 3 ? -2.580  -7.394  0.615   1.00 24.62 ? 3    G   A "C3'" 1 
ATOM   49  O "O3'" . G   A 1 3 ? -3.456  -6.519  1.276   1.00 23.33 ? 3    G   A "O3'" 1 
ATOM   50  C "C2'" . G   A 1 3 ? -1.114  -6.981  0.782   1.00 22.87 ? 3    G   A "C2'" 1 
ATOM   51  O "O2'" . G   A 1 3 ? -0.778  -6.814  2.136   1.00 25.06 ? 3    G   A "O2'" 1 
ATOM   52  C "C1'" . G   A 1 3 ? -0.425  -8.223  0.335   1.00 26.45 ? 3    G   A "C1'" 1 
ATOM   53  N N9    . G   A 1 3 ? -0.200  -8.351  -1.096  1.00 24.01 ? 3    G   A N9    1 
ATOM   54  C C8    . G   A 1 3 ? -0.877  -9.089  -2.076  1.00 22.43 ? 3    G   A C8    1 
ATOM   55  N N7    . G   A 1 3 ? -0.363  -9.012  -3.238  1.00 22.70 ? 3    G   A N7    1 
ATOM   56  C C5    . G   A 1 3 ? 0.745   -8.156  -3.044  1.00 20.51 ? 3    G   A C5    1 
ATOM   57  C C6    . G   A 1 3 ? 1.681   -7.722  -3.963  1.00 22.86 ? 3    G   A C6    1 
ATOM   58  O O6    . G   A 1 3 ? 1.737   -7.945  -5.144  1.00 25.23 ? 3    G   A O6    1 
ATOM   59  N N1    . G   A 1 3 ? 2.637   -6.843  -3.388  1.00 25.20 ? 3    G   A N1    1 
ATOM   60  C C2    . G   A 1 3 ? 2.682   -6.457  -2.066  1.00 24.27 ? 3    G   A C2    1 
ATOM   61  N N2    . G   A 1 3 ? 3.710   -5.615  -1.719  1.00 24.47 ? 3    G   A N2    1 
ATOM   62  N N3    . G   A 1 3 ? 1.804   -6.864  -1.141  1.00 23.97 ? 3    G   A N3    1 
ATOM   63  C C4    . G   A 1 3 ? 0.878   -7.753  -1.743  1.00 21.28 ? 3    G   A C4    1 
ATOM   64  P P     . G   A 1 4 ? -4.146  -5.467  0.371   1.00 24.31 ? 4    G   A P     1 
ATOM   65  O OP1   . G   A 1 4 ? -5.126  -4.870  1.312   1.00 26.48 ? 4    G   A OP1   1 
ATOM   66  O OP2   . G   A 1 4 ? -4.347  -5.928  -1.010  1.00 25.33 ? 4    G   A OP2   1 
ATOM   67  O "O5'" . G   A 1 4 ? -2.919  -4.493  -0.099  1.00 22.60 ? 4    G   A "O5'" 1 
ATOM   68  C "C5'" . G   A 1 4 ? -2.397  -3.667  0.854   1.00 21.04 ? 4    G   A "C5'" 1 
ATOM   69  C "C4'" . G   A 1 4 ? -1.308  -2.798  0.308   1.00 21.31 ? 4    G   A "C4'" 1 
ATOM   70  O "O4'" . G   A 1 4 ? -0.265  -3.713  -0.054  1.00 23.27 ? 4    G   A "O4'" 1 
ATOM   71  C "C3'" . G   A 1 4 ? -1.508  -2.011  -0.980  1.00 21.57 ? 4    G   A "C3'" 1 
ATOM   72  O "O3'" . G   A 1 4 ? -2.170  -0.788  -0.617  1.00 23.90 ? 4    G   A "O3'" 1 
ATOM   73  C "C2'" . G   A 1 4 ? -0.048  -1.843  -1.425  1.00 22.40 ? 4    G   A "C2'" 1 
ATOM   74  O "O2'" . G   A 1 4 ? 0.610   -0.901  -0.575  1.00 20.86 ? 4    G   A "O2'" 1 
ATOM   75  C "C1'" . G   A 1 4 ? 0.463   -3.257  -1.175  1.00 21.19 ? 4    G   A "C1'" 1 
ATOM   76  N N9    . G   A 1 4 ? 0.158   -4.001  -2.359  1.00 20.39 ? 4    G   A N9    1 
ATOM   77  C C8    . G   A 1 4 ? -0.880  -4.911  -2.583  1.00 22.01 ? 4    G   A C8    1 
ATOM   78  N N7    . G   A 1 4 ? -0.913  -5.350  -3.812  1.00 22.92 ? 4    G   A N7    1 
ATOM   79  C C5    . G   A 1 4 ? 0.174   -4.695  -4.430  1.00 22.02 ? 4    G   A C5    1 
ATOM   80  C C6    . G   A 1 4 ? 0.634   -4.744  -5.757  1.00 22.55 ? 4    G   A C6    1 
ATOM   81  O O6    . G   A 1 4 ? 0.143   -5.486  -6.631  1.00 21.78 ? 4    G   A O6    1 
ATOM   82  N N1    . G   A 1 4 ? 1.744   -3.916  -5.999  1.00 24.74 ? 4    G   A N1    1 
ATOM   83  C C2    . G   A 1 4 ? 2.311   -3.058  -5.060  1.00 25.12 ? 4    G   A C2    1 
ATOM   84  N N2    . G   A 1 4 ? 3.351   -2.300  -5.451  1.00 23.84 ? 4    G   A N2    1 
ATOM   85  N N3    . G   A 1 4 ? 1.905   -3.002  -3.819  1.00 20.80 ? 4    G   A N3    1 
ATOM   86  C C4    . G   A 1 4 ? 0.807   -3.818  -3.550  1.00 21.28 ? 4    G   A C4    1 
ATOM   87  P P     . G   A 1 5 ? -3.209  -0.091  -1.548  1.00 21.30 ? 5    G   A P     1 
ATOM   88  O OP1   . G   A 1 5 ? -3.818  0.971   -0.778  1.00 26.86 ? 5    G   A OP1   1 
ATOM   89  O OP2   . G   A 1 5 ? -4.100  -1.218  -2.016  1.00 23.41 ? 5    G   A OP2   1 
ATOM   90  O "O5'" . G   A 1 5 ? -2.300  0.477   -2.602  1.00 22.06 ? 5    G   A "O5'" 1 
ATOM   91  C "C5'" . G   A 1 5 ? -1.337  1.489   -2.283  1.00 19.16 ? 5    G   A "C5'" 1 
ATOM   92  C "C4'" . G   A 1 5 ? -0.275  1.677   -3.350  1.00 21.00 ? 5    G   A "C4'" 1 
ATOM   93  O "O4'" . G   A 1 5 ? 0.395   0.429   -3.751  1.00 22.71 ? 5    G   A "O4'" 1 
ATOM   94  C "C3'" . G   A 1 5 ? -0.896  2.201   -4.627  1.00 21.47 ? 5    G   A "C3'" 1 
ATOM   95  O "O3'" . G   A 1 5 ? -1.200  3.627   -4.443  1.00 18.35 ? 5    G   A "O3'" 1 
ATOM   96  C "C2'" . G   A 1 5 ? 0.165   1.772   -5.648  1.00 22.41 ? 5    G   A "C2'" 1 
ATOM   97  O "O2'" . G   A 1 5 ? 1.300   2.545   -5.502  1.00 22.39 ? 5    G   A "O2'" 1 
ATOM   98  C "C1'" . G   A 1 5 ? 0.497   0.360   -5.174  1.00 20.77 ? 5    G   A "C1'" 1 
ATOM   99  N N9    . G   A 1 5 ? -0.322  -0.721  -5.737  1.00 21.50 ? 5    G   A N9    1 
ATOM   100 C C8    . G   A 1 5 ? -1.359  -1.416  -5.215  1.00 21.85 ? 5    G   A C8    1 
ATOM   101 N N7    . G   A 1 5 ? -1.827  -2.312  -6.042  1.00 24.11 ? 5    G   A N7    1 
ATOM   102 C C5    . G   A 1 5 ? -1.017  -2.192  -7.194  1.00 19.88 ? 5    G   A C5    1 
ATOM   103 C C6    . G   A 1 5 ? -0.981  -2.819  -8.426  1.00 24.77 ? 5    G   A C6    1 
ATOM   104 O O6    . G   A 1 5 ? -1.695  -3.753  -8.831  1.00 25.69 ? 5    G   A O6    1 
ATOM   105 N N1    . G   A 1 5 ? 0.025   -2.386  -9.239  1.00 22.99 ? 5    G   A N1    1 
ATOM   106 C C2    . G   A 1 5 ? 0.896   -1.364  -8.950  1.00 24.47 ? 5    G   A C2    1 
ATOM   107 N N2    . G   A 1 5 ? 1.800   -1.011  -9.885  1.00 26.78 ? 5    G   A N2    1 
ATOM   108 N N3    . G   A 1 5 ? 0.882   -0.740  -7.773  1.00 22.74 ? 5    G   A N3    1 
ATOM   109 C C4    . G   A 1 5 ? -0.109  -1.189  -6.999  1.00 20.84 ? 5    G   A C4    1 
ATOM   110 P P     . A   A 1 6 ? -2.245  4.329   -5.386  1.00 18.72 ? 6    A   A P     1 
ATOM   111 O OP1   . A   A 1 6 ? -2.363  5.690   -4.866  1.00 22.15 ? 6    A   A OP1   1 
ATOM   112 O OP2   . A   A 1 6 ? -3.408  3.418   -5.468  1.00 20.52 ? 6    A   A OP2   1 
ATOM   113 O "O5'" . A   A 1 6 ? -1.548  4.398   -6.855  1.00 21.42 ? 6    A   A "O5'" 1 
ATOM   114 C "C5'" . A   A 1 6 ? -0.498  5.286   -7.193  1.00 22.08 ? 6    A   A "C5'" 1 
ATOM   115 C "C4'" . A   A 1 6 ? -0.016  5.059   -8.586  1.00 20.16 ? 6    A   A "C4'" 1 
ATOM   116 O "O4'" . A   A 1 6 ? 0.529   3.721   -8.754  1.00 20.22 ? 6    A   A "O4'" 1 
ATOM   117 C "C3'" . A   A 1 6 ? -1.082  5.072   -9.680  1.00 22.11 ? 6    A   A "C3'" 1 
ATOM   118 O "O3'" . A   A 1 6 ? -1.433  6.364   -9.931  1.00 22.64 ? 6    A   A "O3'" 1 
ATOM   119 C "C2'" . A   A 1 6 ? -0.222  4.438   -10.795 1.00 19.32 ? 6    A   A "C2'" 1 
ATOM   120 O "O2'" . A   A 1 6 ? 0.792   5.292   -11.192 1.00 21.46 ? 6    A   A "O2'" 1 
ATOM   121 C "C1'" . A   A 1 6 ? 0.374   3.256   -10.048 1.00 21.43 ? 6    A   A "C1'" 1 
ATOM   122 N N9    . A   A 1 6 ? -0.605  2.168   -9.935  1.00 18.91 ? 6    A   A N9    1 
ATOM   123 C C8    . A   A 1 6 ? -1.468  1.888   -8.914  1.00 20.17 ? 6    A   A C8    1 
ATOM   124 N N7    . A   A 1 6 ? -2.239  0.851   -9.148  1.00 21.36 ? 6    A   A N7    1 
ATOM   125 C C5    . A   A 1 6 ? -1.829  0.416   -10.386 1.00 17.37 ? 6    A   A C5    1 
ATOM   126 C C6    . A   A 1 6 ? -2.247  -0.673  -11.206 1.00 21.61 ? 6    A   A C6    1 
ATOM   127 N N6    . A   A 1 6 ? -3.190  -1.541  -10.839 1.00 22.27 ? 6    A   A N6    1 
ATOM   128 N N1    . A   A 1 6 ? -1.631  -0.822  -12.421 1.00 20.89 ? 6    A   A N1    1 
ATOM   129 C C2    . A   A 1 6 ? -0.727  0.057   -12.750 1.00 20.48 ? 6    A   A C2    1 
ATOM   130 N N3    . A   A 1 6 ? -0.249  1.104   -12.070 1.00 20.19 ? 6    A   A N3    1 
ATOM   131 C C4    . A   A 1 6 ? -0.849  1.202   -10.895 1.00 21.49 ? 6    A   A C4    1 
ATOM   132 P P     . G   A 1 7 ? -2.843  6.773   -10.602 1.00 21.38 ? 7    G   A P     1 
ATOM   133 O OP1   . G   A 1 7 ? -2.762  8.265   -10.611 1.00 23.40 ? 7    G   A OP1   1 
ATOM   134 O OP2   . G   A 1 7 ? -4.008  6.126   -9.986  1.00 22.59 ? 7    G   A OP2   1 
ATOM   135 O "O5'" . G   A 1 7 ? -2.714  6.197   -12.069 1.00 24.09 ? 7    G   A "O5'" 1 
ATOM   136 C "C5'" . G   A 1 7 ? -1.641  6.501   -12.970 1.00 21.60 ? 7    G   A "C5'" 1 
ATOM   137 C "C4'" . G   A 1 7 ? -1.845  5.666   -14.209 1.00 22.99 ? 7    G   A "C4'" 1 
ATOM   138 O "O4'" . G   A 1 7 ? -1.510  4.297   -13.886 1.00 19.89 ? 7    G   A "O4'" 1 
ATOM   139 C "C3'" . G   A 1 7 ? -3.248  5.620   -14.782 1.00 24.09 ? 7    G   A "C3'" 1 
ATOM   140 O "O3'" . G   A 1 7 ? -3.528  6.802   -15.532 1.00 25.17 ? 7    G   A "O3'" 1 
ATOM   141 C "C2'" . G   A 1 7 ? -3.095  4.326   -15.600 1.00 24.42 ? 7    G   A "C2'" 1 
ATOM   142 O "O2'" . G   A 1 7 ? -2.436  4.578   -16.838 1.00 26.08 ? 7    G   A "O2'" 1 
ATOM   143 C "C1'" . G   A 1 7 ? -2.252  3.397   -14.667 1.00 21.37 ? 7    G   A "C1'" 1 
ATOM   144 N N9    . G   A 1 7 ? -3.130  2.564   -13.836 1.00 20.29 ? 7    G   A N9    1 
ATOM   145 C C8    . G   A 1 7 ? -3.629  2.822   -12.566 1.00 21.40 ? 7    G   A C8    1 
ATOM   146 N N7    . G   A 1 7 ? -4.441  1.908   -12.155 1.00 19.98 ? 7    G   A N7    1 
ATOM   147 C C5    . G   A 1 7 ? -4.496  0.981   -13.209 1.00 18.89 ? 7    G   A C5    1 
ATOM   148 C C6    . G   A 1 7 ? -5.254  -0.200  -13.309 1.00 26.78 ? 7    G   A C6    1 
ATOM   149 O O6    . G   A 1 7 ? -6.015  -0.683  -12.442 1.00 29.95 ? 7    G   A O6    1 
ATOM   150 N N1    . G   A 1 7 ? -5.089  -0.891  -14.530 1.00 25.76 ? 7    G   A N1    1 
ATOM   151 C C2    . G   A 1 7 ? -4.272  -0.382  -15.574 1.00 25.49 ? 7    G   A C2    1 
ATOM   152 N N2    . G   A 1 7 ? -4.292  -1.212  -16.664 1.00 23.02 ? 7    G   A N2    1 
ATOM   153 N N3    . G   A 1 7 ? -3.522  0.779   -15.483 1.00 24.07 ? 7    G   A N3    1 
ATOM   154 C C4    . G   A 1 7 ? -3.736  1.398   -14.272 1.00 20.65 ? 7    G   A C4    1 
ATOM   155 O "O5'" . C   B 2 1 ? -7.254  -9.113  -15.396 1.00 30.39 ? 66   C   B "O5'" 1 
ATOM   156 C "C5'" . C   B 2 1 ? -7.608  -9.360  -16.750 1.00 28.08 ? 66   C   B "C5'" 1 
ATOM   157 C "C4'" . C   B 2 1 ? -7.020  -8.341  -17.654 1.00 24.86 ? 66   C   B "C4'" 1 
ATOM   158 O "O4'" . C   B 2 1 ? -7.746  -7.167  -17.370 1.00 25.27 ? 66   C   B "O4'" 1 
ATOM   159 C "C3'" . C   B 2 1 ? -5.575  -7.934  -17.341 1.00 25.69 ? 66   C   B "C3'" 1 
ATOM   160 O "O3'" . C   B 2 1 ? -4.639  -8.734  -18.033 1.00 27.12 ? 66   C   B "O3'" 1 
ATOM   161 C "C2'" . C   B 2 1 ? -5.465  -6.513  -17.831 1.00 24.93 ? 66   C   B "C2'" 1 
ATOM   162 O "O2'" . C   B 2 1 ? -5.323  -6.456  -19.235 1.00 27.47 ? 66   C   B "O2'" 1 
ATOM   163 C "C1'" . C   B 2 1 ? -6.852  -6.042  -17.412 1.00 23.35 ? 66   C   B "C1'" 1 
ATOM   164 N N1    . C   B 2 1 ? -6.892  -5.328  -16.050 1.00 23.77 ? 66   C   B N1    1 
ATOM   165 C C2    . C   B 2 1 ? -6.360  -4.043  -15.893 1.00 21.39 ? 66   C   B C2    1 
ATOM   166 O O2    . C   B 2 1 ? -5.850  -3.447  -16.815 1.00 26.58 ? 66   C   B O2    1 
ATOM   167 N N3    . C   B 2 1 ? -6.401  -3.476  -14.686 1.00 26.44 ? 66   C   B N3    1 
ATOM   168 C C4    . C   B 2 1 ? -6.925  -4.109  -13.630 1.00 26.43 ? 66   C   B C4    1 
ATOM   169 N N4    . C   B 2 1 ? -6.904  -3.390  -12.491 1.00 28.47 ? 66   C   B N4    1 
ATOM   170 C C5    . C   B 2 1 ? -7.501  -5.413  -13.733 1.00 25.87 ? 66   C   B C5    1 
ATOM   171 C C6    . C   B 2 1 ? -7.421  -5.960  -14.966 1.00 25.11 ? 66   C   B C6    1 
ATOM   172 P P     . U   B 2 2 ? -3.267  -9.231  -17.291 1.00 25.88 ? 67   U   B P     1 
ATOM   173 O OP1   . U   B 2 2 ? -2.531  -10.173 -18.181 1.00 29.17 ? 67   U   B OP1   1 
ATOM   174 O OP2   . U   B 2 2 ? -3.436  -9.375  -15.866 1.00 27.94 ? 67   U   B OP2   1 
ATOM   175 O "O5'" . U   B 2 2 ? -2.487  -7.959  -17.540 1.00 19.90 ? 67   U   B "O5'" 1 
ATOM   176 C "C5'" . U   B 2 2 ? -2.256  -7.374  -18.829 1.00 23.97 ? 67   U   B "C5'" 1 
ATOM   177 C "C4'" . U   B 2 2 ? -1.447  -6.075  -18.768 1.00 23.45 ? 67   U   B "C4'" 1 
ATOM   178 O "O4'" . U   B 2 2 ? -2.270  -5.003  -18.259 1.00 25.11 ? 67   U   B "O4'" 1 
ATOM   179 C "C3'" . U   B 2 2 ? -0.288  -5.995  -17.776 1.00 25.63 ? 67   U   B "C3'" 1 
ATOM   180 O "O3'" . U   B 2 2 ? 0.819   -6.623  -18.323 1.00 27.45 ? 67   U   B "O3'" 1 
ATOM   181 C "C2'" . U   B 2 2 ? -0.102  -4.474  -17.792 1.00 22.78 ? 67   U   B "C2'" 1 
ATOM   182 O "O2'" . U   B 2 2 ? 0.403   -3.871  -18.955 1.00 29.43 ? 67   U   B "O2'" 1 
ATOM   183 C "C1'" . U   B 2 2 ? -1.508  -4.028  -17.594 1.00 22.96 ? 67   U   B "C1'" 1 
ATOM   184 N N1    . U   B 2 2 ? -2.051  -4.140  -16.211 1.00 22.47 ? 67   U   B N1    1 
ATOM   185 C C2    . U   B 2 2 ? -1.885  -3.037  -15.415 1.00 22.92 ? 67   U   B C2    1 
ATOM   186 O O2    . U   B 2 2 ? -1.264  -2.075  -15.746 1.00 24.32 ? 67   U   B O2    1 
ATOM   187 N N3    . U   B 2 2 ? -2.456  -3.164  -14.180 1.00 22.18 ? 67   U   B N3    1 
ATOM   188 C C4    . U   B 2 2 ? -3.203  -4.140  -13.642 1.00 22.98 ? 67   U   B C4    1 
ATOM   189 O O4    . U   B 2 2 ? -3.619  -3.954  -12.514 1.00 25.65 ? 67   U   B O4    1 
ATOM   190 C C5    . U   B 2 2 ? -3.390  -5.317  -14.461 1.00 20.97 ? 67   U   B C5    1 
ATOM   191 C C6    . U   B 2 2 ? -2.786  -5.226  -15.694 1.00 21.39 ? 67   U   B C6    1 
ATOM   192 P P     . C   B 2 3 ? 2.008   -7.332  -17.516 1.00 28.99 ? 68   C   B P     1 
ATOM   193 O OP1   . C   B 2 3 ? 3.030   -7.799  -18.488 1.00 31.65 ? 68   C   B OP1   1 
ATOM   194 O OP2   . C   B 2 3 ? 1.433   -8.178  -16.507 1.00 29.54 ? 68   C   B OP2   1 
ATOM   195 O "O5'" . C   B 2 3 ? 2.716   -6.155  -16.785 1.00 25.81 ? 68   C   B "O5'" 1 
ATOM   196 C "C5'" . C   B 2 3 ? 3.391   -5.156  -17.501 1.00 24.86 ? 68   C   B "C5'" 1 
ATOM   197 C "C4'" . C   B 2 3 ? 3.570   -3.923  -16.643 1.00 26.23 ? 68   C   B "C4'" 1 
ATOM   198 O "O4'" . C   B 2 3 ? 2.303   -3.414  -16.132 1.00 28.32 ? 68   C   B "O4'" 1 
ATOM   199 C "C3'" . C   B 2 3 ? 4.347   -4.149  -15.337 1.00 28.51 ? 68   C   B "C3'" 1 
ATOM   200 O "O3'" . C   B 2 3 ? 5.797   -4.356  -15.495 1.00 27.47 ? 68   C   B "O3'" 1 
ATOM   201 C "C2'" . C   B 2 3 ? 3.962   -2.874  -14.570 1.00 26.69 ? 68   C   B "C2'" 1 
ATOM   202 O "O2'" . C   B 2 3 ? 4.693   -1.757  -14.992 1.00 27.31 ? 68   C   B "O2'" 1 
ATOM   203 C "C1'" . C   B 2 3 ? 2.464   -2.813  -14.846 1.00 25.69 ? 68   C   B "C1'" 1 
ATOM   204 N N1    . C   B 2 3 ? 1.543   -3.628  -13.911 1.00 23.72 ? 68   C   B N1    1 
ATOM   205 C C2    . C   B 2 3 ? 1.197   -3.054  -12.703 1.00 23.38 ? 68   C   B C2    1 
ATOM   206 O O2    . C   B 2 3 ? 1.722   -1.951  -12.487 1.00 24.56 ? 68   C   B O2    1 
ATOM   207 N N3    . C   B 2 3 ? 0.364   -3.630  -11.800 1.00 25.86 ? 68   C   B N3    1 
ATOM   208 C C4    . C   B 2 3 ? -0.166  -4.839  -12.097 1.00 26.74 ? 68   C   B C4    1 
ATOM   209 N N4    . C   B 2 3 ? -1.019  -5.406  -11.215 1.00 27.20 ? 68   C   B N4    1 
ATOM   210 C C5    . C   B 2 3 ? 0.143   -5.498  -13.349 1.00 24.35 ? 68   C   B C5    1 
ATOM   211 C C6    . C   B 2 3 ? 0.992   -4.868  -14.196 1.00 26.44 ? 68   C   B C6    1 
ATOM   212 P P     . C   B 2 4 ? 6.679   -5.167  -14.449 1.00 25.85 ? 69   C   B P     1 
ATOM   213 O OP1   . C   B 2 4 ? 8.045   -5.110  -14.968 1.00 27.53 ? 69   C   B OP1   1 
ATOM   214 O OP2   . C   B 2 4 ? 6.027   -6.318  -13.864 1.00 26.91 ? 69   C   B OP2   1 
ATOM   215 O "O5'" . C   B 2 4 ? 6.795   -4.025  -13.363 1.00 24.75 ? 69   C   B "O5'" 1 
ATOM   216 C "C5'" . C   B 2 4 ? 7.599   -2.897  -13.399 1.00 23.50 ? 69   C   B "C5'" 1 
ATOM   217 C "C4'" . C   B 2 4 ? 7.483   -2.218  -12.047 1.00 22.80 ? 69   C   B "C4'" 1 
ATOM   218 O "O4'" . C   B 2 4 ? 6.117   -1.809  -11.749 1.00 25.23 ? 69   C   B "O4'" 1 
ATOM   219 C "C3'" . C   B 2 4 ? 7.806   -3.025  -10.796 1.00 21.69 ? 69   C   B "C3'" 1 
ATOM   220 O "O3'" . C   B 2 4 ? 9.187   -3.183  -10.641 1.00 22.28 ? 69   C   B "O3'" 1 
ATOM   221 C "C2'" . C   B 2 4 ? 7.112   -2.234  -9.699  1.00 22.37 ? 69   C   B "C2'" 1 
ATOM   222 O "O2'" . C   B 2 4 ? 7.790   -1.024  -9.391  1.00 22.20 ? 69   C   B "O2'" 1 
ATOM   223 C "C1'" . C   B 2 4 ? 5.768   -1.956  -10.368 1.00 22.69 ? 69   C   B "C1'" 1 
ATOM   224 N N1    . C   B 2 4 ? 4.670   -2.997  -10.081 1.00 21.65 ? 69   C   B N1    1 
ATOM   225 C C2    . C   B 2 4 ? 3.930   -3.048  -8.818  1.00 19.47 ? 69   C   B C2    1 
ATOM   226 O O2    . C   B 2 4 ? 4.118   -2.190  -7.927  1.00 22.53 ? 69   C   B O2    1 
ATOM   227 N N3    . C   B 2 4 ? 2.936   -3.963  -8.535  1.00 20.77 ? 69   C   B N3    1 
ATOM   228 C C4    . C   B 2 4 ? 2.689   -4.798  -9.486  1.00 22.81 ? 69   C   B C4    1 
ATOM   229 N N4    . C   B 2 4 ? 1.742   -5.681  -9.176  1.00 21.72 ? 69   C   B N4    1 
ATOM   230 C C5    . C   B 2 4 ? 3.450   -4.810  -10.712 1.00 21.24 ? 69   C   B C5    1 
ATOM   231 C C6    . C   B 2 4 ? 4.420   -3.951  -11.029 1.00 23.19 ? 69   C   B C6    1 
ATOM   232 P P     . C   B 2 5 ? 9.825   -4.354  -9.827  1.00 20.04 ? 70   C   B P     1 
ATOM   233 O OP1   . C   B 2 5 ? 11.247  -4.333  -10.068 1.00 23.06 ? 70   C   B OP1   1 
ATOM   234 O OP2   . C   B 2 5 ? 9.217   -5.650  -10.153 1.00 21.78 ? 70   C   B OP2   1 
ATOM   235 O "O5'" . C   B 2 5 ? 9.508   -4.263  -8.332  1.00 22.24 ? 70   C   B "O5'" 1 
ATOM   236 C "C5'" . C   B 2 5 ? 9.991   -3.176  -7.608  1.00 21.32 ? 70   C   B "C5'" 1 
ATOM   237 C "C4'" . C   B 2 5 ? 9.409   -3.111  -6.175  1.00 20.96 ? 70   C   B "C4'" 1 
ATOM   238 O "O4'" . C   B 2 5 ? 7.988   -2.796  -6.231  1.00 21.31 ? 70   C   B "O4'" 1 
ATOM   239 C "C3'" . C   B 2 5 ? 9.477   -4.313  -5.258  1.00 22.69 ? 70   C   B "C3'" 1 
ATOM   240 O "O3'" . C   B 2 5 ? 10.783  -4.512  -4.741  1.00 20.09 ? 70   C   B "O3'" 1 
ATOM   241 C "C2'" . C   B 2 5 ? 8.446   -3.920  -4.192  1.00 17.38 ? 70   C   B "C2'" 1 
ATOM   242 O "O2'" . C   B 2 5 ? 8.898   -2.867  -3.296  1.00 22.85 ? 70   C   B "O2'" 1 
ATOM   243 C "C1'" . C   B 2 5 ? 7.381   -3.325  -5.075  1.00 19.81 ? 70   C   B "C1'" 1 
ATOM   244 N N1    . C   B 2 5 ? 6.460   -4.417  -5.638  1.00 22.50 ? 70   C   B N1    1 
ATOM   245 C C2    . C   B 2 5 ? 5.421   -4.798  -4.777  1.00 22.68 ? 70   C   B C2    1 
ATOM   246 O O2    . C   B 2 5 ? 5.321   -4.294  -3.628  1.00 25.76 ? 70   C   B O2    1 
ATOM   247 N N3    . C   B 2 5 ? 4.590   -5.734  -5.236  1.00 18.90 ? 70   C   B N3    1 
ATOM   248 C C4    . C   B 2 5 ? 4.709   -6.240  -6.492  1.00 20.31 ? 70   C   B C4    1 
ATOM   249 N N4    . C   B 2 5 ? 3.790   -7.187  -6.844  1.00 21.30 ? 70   C   B N4    1 
ATOM   250 C C5    . C   B 2 5 ? 5.732   -5.905  -7.402  1.00 21.34 ? 70   C   B C5    1 
ATOM   251 C C6    . C   B 2 5 ? 6.550   -4.936  -6.929  1.00 21.12 ? 70   C   B C6    1 
ATOM   252 P P     . G   B 2 6 ? 11.323  -5.996  -4.473  1.00 21.46 ? 71   G   B P     1 
ATOM   253 O OP1   . G   B 2 6 ? 12.714  -5.808  -4.001  1.00 25.92 ? 71   G   B OP1   1 
ATOM   254 O OP2   . G   B 2 6 ? 10.990  -6.874  -5.528  1.00 19.52 ? 71   G   B OP2   1 
ATOM   255 O "O5'" . G   B 2 6 ? 10.369  -6.456  -3.284  1.00 22.10 ? 71   G   B "O5'" 1 
ATOM   256 C "C5'" . G   B 2 6 ? 10.483  -5.911  -2.020  1.00 21.00 ? 71   G   B "C5'" 1 
ATOM   257 C "C4'" . G   B 2 6 ? 9.399   -6.426  -1.111  1.00 22.75 ? 71   G   B "C4'" 1 
ATOM   258 O "O4'" . G   B 2 6 ? 8.100   -6.073  -1.689  1.00 21.19 ? 71   G   B "O4'" 1 
ATOM   259 C "C3'" . G   B 2 6 ? 9.368   -7.918  -0.925  1.00 17.92 ? 71   G   B "C3'" 1 
ATOM   260 O "O3'" . G   B 2 6 ? 10.339  -8.407  0.022   1.00 19.19 ? 71   G   B "O3'" 1 
ATOM   261 C "C2'" . G   B 2 6 ? 7.930   -8.009  -0.342  1.00 20.15 ? 71   G   B "C2'" 1 
ATOM   262 O "O2'" . G   B 2 6 ? 7.784   -7.611  0.985   1.00 22.06 ? 71   G   B "O2'" 1 
ATOM   263 C "C1'" . G   B 2 6 ? 7.193   -7.048  -1.227  1.00 19.16 ? 71   G   B "C1'" 1 
ATOM   264 N N9    . G   B 2 6 ? 6.748   -7.735  -2.408  1.00 18.71 ? 71   G   B N9    1 
ATOM   265 C C8    . G   B 2 6 ? 7.205   -7.677  -3.701  1.00 20.20 ? 71   G   B C8    1 
ATOM   266 N N7    . G   B 2 6 ? 6.529   -8.493  -4.513  1.00 20.92 ? 71   G   B N7    1 
ATOM   267 C C5    . G   B 2 6 ? 5.490   -8.986  -3.750  1.00 20.36 ? 71   G   B C5    1 
ATOM   268 C C6    . G   B 2 6 ? 4.425   -9.884  -4.110  1.00 20.09 ? 71   G   B C6    1 
ATOM   269 O O6    . G   B 2 6 ? 4.176   -10.365 -5.235  1.00 20.71 ? 71   G   B O6    1 
ATOM   270 N N1    . G   B 2 6 ? 3.655   -10.214 -2.997  1.00 18.60 ? 71   G   B N1    1 
ATOM   271 C C2    . G   B 2 6 ? 3.898   -9.697  -1.758  1.00 20.15 ? 71   G   B C2    1 
ATOM   272 N N2    . G   B 2 6 ? 3.107   -10.045 -0.741  1.00 24.99 ? 71   G   B N2    1 
ATOM   273 N N3    . G   B 2 6 ? 4.831   -8.824  -1.456  1.00 18.78 ? 71   G   B N3    1 
ATOM   274 C C4    . G   B 2 6 ? 5.631   -8.563  -2.469  1.00 19.06 ? 71   G   B C4    1 
ATOM   275 P P     . C   B 2 7 ? 10.898  -9.868  -0.065  1.00 23.45 ? 72   C   B P     1 
ATOM   276 O OP1   . C   B 2 7 ? 11.918  -10.013 0.984   1.00 25.81 ? 72   C   B OP1   1 
ATOM   277 O OP2   . C   B 2 7 ? 11.168  -10.214 -1.432  1.00 24.69 ? 72   C   B OP2   1 
ATOM   278 O "O5'" . C   B 2 7 ? 9.593   -10.644 0.275   1.00 22.14 ? 72   C   B "O5'" 1 
ATOM   279 C "C5'" . C   B 2 7 ? 9.111   -10.493 1.607   1.00 19.16 ? 72   C   B "C5'" 1 
ATOM   280 C "C4'" . C   B 2 7 ? 7.928   -11.408 1.891   1.00 22.13 ? 72   C   B "C4'" 1 
ATOM   281 O "O4'" . C   B 2 7 ? 6.912   -10.955 0.982   1.00 20.21 ? 72   C   B "O4'" 1 
ATOM   282 C "C3'" . C   B 2 7 ? 8.163   -12.897 1.621   1.00 22.58 ? 72   C   B "C3'" 1 
ATOM   283 O "O3'" . C   B 2 7 ? 8.761   -13.644 2.647   1.00 23.37 ? 72   C   B "O3'" 1 
ATOM   284 C "C2'" . C   B 2 7 ? 6.717   -13.310 1.415   1.00 22.84 ? 72   C   B "C2'" 1 
ATOM   285 O "O2'" . C   B 2 7 ? 6.011   -13.492 2.625   1.00 24.06 ? 72   C   B "O2'" 1 
ATOM   286 C "C1'" . C   B 2 7 ? 6.122   -12.090 0.701   1.00 21.99 ? 72   C   B "C1'" 1 
ATOM   287 N N1    . C   B 2 7 ? 6.104   -12.253 -0.744  1.00 20.04 ? 72   C   B N1    1 
ATOM   288 C C2    . C   B 2 7 ? 5.125   -13.049 -1.307  1.00 20.53 ? 72   C   B C2    1 
ATOM   289 O O2    . C   B 2 7 ? 4.181   -13.548 -0.679  1.00 22.57 ? 72   C   B O2    1 
ATOM   290 N N3    . C   B 2 7 ? 5.154   -13.172 -2.640  1.00 25.20 ? 72   C   B N3    1 
ATOM   291 C C4    . C   B 2 7 ? 6.106   -12.696 -3.390  1.00 23.63 ? 72   C   B C4    1 
ATOM   292 N N4    . C   B 2 7 ? 5.962   -12.952 -4.678  1.00 29.14 ? 72   C   B N4    1 
ATOM   293 C C5    . C   B 2 7 ? 7.161   -11.900 -2.876  1.00 22.89 ? 72   C   B C5    1 
ATOM   294 C C6    . C   B 2 7 ? 7.093   -11.742 -1.536  1.00 21.91 ? 72   C   B C6    1 
ATOM   295 O "O5'" . G   C 1 1 ? -0.602  15.384  13.647  1.00 28.24 ? 1    G   C "O5'" 1 
ATOM   296 C "C5'" . G   C 1 1 ? -0.809  15.920  14.959  1.00 25.60 ? 1    G   C "C5'" 1 
ATOM   297 C "C4'" . G   C 1 1 ? -2.027  15.398  15.732  1.00 22.80 ? 1    G   C "C4'" 1 
ATOM   298 O "O4'" . G   C 1 1 ? -3.233  15.959  15.188  1.00 22.57 ? 1    G   C "O4'" 1 
ATOM   299 C "C3'" . G   C 1 1 ? -2.265  13.911  15.788  1.00 23.33 ? 1    G   C "C3'" 1 
ATOM   300 O "O3'" . G   C 1 1 ? -1.541  13.353  16.920  1.00 24.29 ? 1    G   C "O3'" 1 
ATOM   301 C "C2'" . G   C 1 1 ? -3.782  13.787  15.940  1.00 22.76 ? 1    G   C "C2'" 1 
ATOM   302 O "O2'" . G   C 1 1 ? -4.263  14.156  17.204  1.00 25.97 ? 1    G   C "O2'" 1 
ATOM   303 C "C1'" . G   C 1 1 ? -4.233  14.918  15.028  1.00 24.49 ? 1    G   C "C1'" 1 
ATOM   304 N N9    . G   C 1 1 ? -4.423  14.569  13.615  1.00 24.19 ? 1    G   C N9    1 
ATOM   305 C C8    . G   C 1 1 ? -3.743  14.962  12.488  1.00 23.08 ? 1    G   C C8    1 
ATOM   306 N N7    . G   C 1 1 ? -4.182  14.495  11.366  1.00 23.49 ? 1    G   C N7    1 
ATOM   307 C C5    . G   C 1 1 ? -5.283  13.720  11.761  1.00 22.22 ? 1    G   C C5    1 
ATOM   308 C C6    . G   C 1 1 ? -6.175  12.913  10.998  1.00 25.24 ? 1    G   C C6    1 
ATOM   309 O O6    . G   C 1 1 ? -6.188  12.757  9.784   1.00 28.92 ? 1    G   C O6    1 
ATOM   310 N N1    . G   C 1 1 ? -7.173  12.293  11.715  1.00 25.19 ? 1    G   C N1    1 
ATOM   311 C C2    . G   C 1 1 ? -7.262  12.416  13.095  1.00 23.79 ? 1    G   C C2    1 
ATOM   312 N N2    . G   C 1 1 ? -8.316  11.685  13.588  1.00 21.98 ? 1    G   C N2    1 
ATOM   313 N N3    . G   C 1 1 ? -6.408  13.186  13.862  1.00 23.73 ? 1    G   C N3    1 
ATOM   314 C C4    . G   C 1 1 ? -5.449  13.762  13.118  1.00 21.29 ? 1    G   C C4    1 
ATOM   315 P P     . C   C 1 2 ? -0.969  11.905  16.683  1.00 21.56 ? 2    C   C P     1 
ATOM   316 O OP1   . C   C 1 2 ? -0.070  11.399  17.703  1.00 27.33 ? 2    C   C OP1   1 
ATOM   317 O OP2   . C   C 1 2 ? -0.373  11.671  15.394  1.00 25.80 ? 2    C   C OP2   1 
ATOM   318 O "O5'" . C   C 1 2 ? -2.220  10.960  16.718  1.00 24.43 ? 2    C   C "O5'" 1 
ATOM   319 C "C5'" . C   C 1 2 ? -3.042  10.915  17.839  1.00 21.10 ? 2    C   C "C5'" 1 
ATOM   320 C "C4'" . C   C 1 2 ? -4.283  10.060  17.594  1.00 21.66 ? 2    C   C "C4'" 1 
ATOM   321 O "O4'" . C   C 1 2 ? -5.102  10.744  16.612  1.00 20.66 ? 2    C   C "O4'" 1 
ATOM   322 C "C3'" . C   C 1 2 ? -4.028  8.697   16.981  1.00 23.71 ? 2    C   C "C3'" 1 
ATOM   323 O "O3'" . C   C 1 2 ? -3.557  7.727   17.930  1.00 25.82 ? 2    C   C "O3'" 1 
ATOM   324 C "C2'" . C   C 1 2 ? -5.418  8.387   16.466  1.00 22.24 ? 2    C   C "C2'" 1 
ATOM   325 O "O2'" . C   C 1 2 ? -6.361  8.045   17.488  1.00 22.73 ? 2    C   C "O2'" 1 
ATOM   326 C "C1'" . C   C 1 2 ? -5.743  9.731   15.782  1.00 22.03 ? 2    C   C "C1'" 1 
ATOM   327 N N1    . C   C 1 2 ? -5.259  9.953   14.386  1.00 21.93 ? 2    C   C N1    1 
ATOM   328 C C2    . C   C 1 2 ? -5.990  9.354   13.350  1.00 22.63 ? 2    C   C C2    1 
ATOM   329 O O2    . C   C 1 2 ? -7.019  8.693   13.719  1.00 23.21 ? 2    C   C O2    1 
ATOM   330 N N3    . C   C 1 2 ? -5.598  9.534   12.058  1.00 22.49 ? 2    C   C N3    1 
ATOM   331 C C4    . C   C 1 2 ? -4.460  10.206  11.793  1.00 20.80 ? 2    C   C C4    1 
ATOM   332 N N4    . C   C 1 2 ? -4.100  10.403  10.555  1.00 20.11 ? 2    C   C N4    1 
ATOM   333 C C5    . C   C 1 2 ? -3.676  10.840  12.797  1.00 22.05 ? 2    C   C C5    1 
ATOM   334 C C6    . C   C 1 2 ? -4.091  10.635  14.067  1.00 20.21 ? 2    C   C C6    1 
ATOM   335 P P     . G   C 1 3 ? -2.499  6.660   17.498  1.00 25.74 ? 3    G   C P     1 
ATOM   336 O OP1   . G   C 1 3 ? -2.121  5.868   18.689  1.00 31.95 ? 3    G   C OP1   1 
ATOM   337 O OP2   . G   C 1 3 ? -1.436  7.064   16.552  1.00 28.84 ? 3    G   C OP2   1 
ATOM   338 O "O5'" . G   C 1 3 ? -3.430  5.681   16.676  1.00 24.61 ? 3    G   C "O5'" 1 
ATOM   339 C "C5'" . G   C 1 3 ? -4.566  4.971   17.209  1.00 26.56 ? 3    G   C "C5'" 1 
ATOM   340 C "C4'" . G   C 1 3 ? -5.362  4.300   16.082  1.00 24.01 ? 3    G   C "C4'" 1 
ATOM   341 O "O4'" . G   C 1 3 ? -5.795  5.342   15.133  1.00 25.93 ? 3    G   C "O4'" 1 
ATOM   342 C "C3'" . G   C 1 3 ? -4.566  3.397   15.152  1.00 25.02 ? 3    G   C "C3'" 1 
ATOM   343 O "O3'" . G   C 1 3 ? -4.246  2.118   15.641  1.00 23.39 ? 3    G   C "O3'" 1 
ATOM   344 C "C2'" . G   C 1 3 ? -5.485  3.364   13.967  1.00 23.32 ? 3    G   C "C2'" 1 
ATOM   345 O "O2'" . G   C 1 3 ? -6.597  2.632   14.236  1.00 23.17 ? 3    G   C "O2'" 1 
ATOM   346 C "C1'" . G   C 1 3 ? -5.939  4.800   13.838  1.00 25.11 ? 3    G   C "C1'" 1 
ATOM   347 N N9    . G   C 1 3 ? -5.128  5.568   12.908  1.00 23.82 ? 3    G   C N9    1 
ATOM   348 C C8    . G   C 1 3 ? -4.129  6.484   13.202  1.00 22.44 ? 3    G   C C8    1 
ATOM   349 N N7    . G   C 1 3 ? -3.569  6.980   12.148  1.00 24.46 ? 3    G   C N7    1 
ATOM   350 C C5    . G   C 1 3 ? -4.233  6.326   11.092  1.00 21.22 ? 3    G   C C5    1 
ATOM   351 C C6    . G   C 1 3 ? -4.041  6.493   9.738   1.00 23.54 ? 3    G   C C6    1 
ATOM   352 O O6    . G   C 1 3 ? -3.165  7.230   9.256   1.00 26.78 ? 3    G   C O6    1 
ATOM   353 N N1    . G   C 1 3 ? -4.854  5.655   8.964   1.00 25.72 ? 3    G   C N1    1 
ATOM   354 C C2    . G   C 1 3 ? -5.816  4.800   9.473   1.00 24.04 ? 3    G   C C2    1 
ATOM   355 N N2    . G   C 1 3 ? -6.435  4.181   8.466   1.00 24.25 ? 3    G   C N2    1 
ATOM   356 N N3    . G   C 1 3 ? -6.068  4.632   10.812  1.00 24.59 ? 3    G   C N3    1 
ATOM   357 C C4    . G   C 1 3 ? -5.220  5.475   11.511  1.00 21.53 ? 3    G   C C4    1 
ATOM   358 P P     . G   C 1 4 ? -2.945  1.395   15.130  1.00 23.09 ? 4    G   C P     1 
ATOM   359 O OP1   . G   C 1 4 ? -2.819  0.290   16.164  1.00 26.05 ? 4    G   C OP1   1 
ATOM   360 O OP2   . G   C 1 4 ? -1.815  2.265   14.755  1.00 24.58 ? 4    G   C OP2   1 
ATOM   361 O "O5'" . G   C 1 4 ? -3.309  0.831   13.715  1.00 22.15 ? 4    G   C "O5'" 1 
ATOM   362 C "C5'" . G   C 1 4 ? -4.320  -0.277  13.611  1.00 19.40 ? 4    G   C "C5'" 1 
ATOM   363 C "C4'" . G   C 1 4 ? -4.604  -0.643  12.184  1.00 19.73 ? 4    G   C "C4'" 1 
ATOM   364 O "O4'" . G   C 1 4 ? -5.211  0.489   11.585  1.00 21.83 ? 4    G   C "O4'" 1 
ATOM   365 C "C3'" . G   C 1 4 ? -3.425  -0.952  11.305  1.00 21.89 ? 4    G   C "C3'" 1 
ATOM   366 O "O3'" . G   C 1 4 ? -2.920  -2.265  11.562  1.00 22.51 ? 4    G   C "O3'" 1 
ATOM   367 C "C2'" . G   C 1 4 ? -4.096  -0.745  9.946   1.00 21.17 ? 4    G   C "C2'" 1 
ATOM   368 O "O2'" . G   C 1 4 ? -5.012  -1.831  9.724   1.00 19.51 ? 4    G   C "O2'" 1 
ATOM   369 C "C1'" . G   C 1 4 ? -4.847  0.535   10.201  1.00 19.76 ? 4    G   C "C1'" 1 
ATOM   370 N N9    . G   C 1 4 ? -3.930  1.674   9.946   1.00 18.02 ? 4    G   C N9    1 
ATOM   371 C C8    . G   C 1 4 ? -3.258  2.432   10.882  1.00 21.81 ? 4    G   C C8    1 
ATOM   372 N N7    . G   C 1 4 ? -2.487  3.355   10.317  1.00 22.18 ? 4    G   C N7    1 
ATOM   373 C C5    . G   C 1 4 ? -2.689  3.150   8.930   1.00 21.20 ? 4    G   C C5    1 
ATOM   374 C C6    . G   C 1 4 ? -2.122  3.767   7.865   1.00 23.91 ? 4    G   C C6    1 
ATOM   375 O O6    . G   C 1 4 ? -1.322  4.729   7.949   1.00 23.29 ? 4    G   C O6    1 
ATOM   376 N N1    . G   C 1 4 ? -2.552  3.281   6.621   1.00 24.51 ? 4    G   C N1    1 
ATOM   377 C C2    . G   C 1 4 ? -3.446  2.225   6.436   1.00 25.25 ? 4    G   C C2    1 
ATOM   378 N N2    . G   C 1 4 ? -3.682  1.910   5.133   1.00 21.29 ? 4    G   C N2    1 
ATOM   379 N N3    . G   C 1 4 ? -4.003  1.592   7.504   1.00 20.04 ? 4    G   C N3    1 
ATOM   380 C C4    . G   C 1 4 ? -3.591  2.107   8.686   1.00 20.03 ? 4    G   C C4    1 
ATOM   381 P P     . G   C 1 5 ? -1.435  -2.644  11.301  1.00 19.37 ? 5    G   C P     1 
ATOM   382 O OP1   . G   C 1 5 ? -1.190  -3.996  11.723  1.00 25.72 ? 5    G   C OP1   1 
ATOM   383 O OP2   . G   C 1 5 ? -0.609  -1.470  11.714  1.00 21.35 ? 5    G   C OP2   1 
ATOM   384 O "O5'" . G   C 1 5 ? -1.348  -2.674  9.766   1.00 21.75 ? 5    G   C "O5'" 1 
ATOM   385 C "C5'" . G   C 1 5 ? -2.105  -3.586  8.864   1.00 19.06 ? 5    G   C "C5'" 1 
ATOM   386 C "C4'" . G   C 1 5 ? -2.074  -3.115  7.402   1.00 20.77 ? 5    G   C "C4'" 1 
ATOM   387 O "O4'" . G   C 1 5 ? -2.515  -1.750  7.342   1.00 21.93 ? 5    G   C "O4'" 1 
ATOM   388 C "C3'" . G   C 1 5 ? -0.665  -3.121  6.868   1.00 21.58 ? 5    G   C "C3'" 1 
ATOM   389 O "O3'" . G   C 1 5 ? -0.203  -4.432  6.506   1.00 20.23 ? 5    G   C "O3'" 1 
ATOM   390 C "C2'" . G   C 1 5 ? -0.939  -2.195  5.686   1.00 21.86 ? 5    G   C "C2'" 1 
ATOM   391 O "O2'" . G   C 1 5 ? -1.676  -2.903  4.731   1.00 22.46 ? 5    G   C "O2'" 1 
ATOM   392 C "C1'" . G   C 1 5 ? -1.714  -1.058  6.389   1.00 20.02 ? 5    G   C "C1'" 1 
ATOM   393 N N9    . G   C 1 5 ? -0.882  -0.003  7.017   1.00 22.63 ? 5    G   C N9    1 
ATOM   394 C C8    . G   C 1 5 ? -0.590  0.317   8.324   1.00 21.33 ? 5    G   C C8    1 
ATOM   395 N N7    . G   C 1 5 ? 0.221   1.354   8.502   1.00 23.60 ? 5    G   C N7    1 
ATOM   396 C C5    . G   C 1 5 ? 0.477   1.763   7.186   1.00 20.58 ? 5    G   C C5    1 
ATOM   397 C C6    . G   C 1 5 ? 1.319   2.759   6.717   1.00 25.65 ? 5    G   C C6    1 
ATOM   398 O O6    . G   C 1 5 ? 1.949   3.557   7.445   1.00 26.70 ? 5    G   C O6    1 
ATOM   399 N N1    . G   C 1 5 ? 1.325   2.852   5.316   1.00 24.85 ? 5    G   C N1    1 
ATOM   400 C C2    . G   C 1 5 ? 0.659   1.995   4.459   1.00 25.49 ? 5    G   C C2    1 
ATOM   401 N N2    . G   C 1 5 ? 0.870   2.248   3.165   1.00 26.63 ? 5    G   C N2    1 
ATOM   402 N N3    . G   C 1 5 ? -0.151  0.990   4.883   1.00 23.12 ? 5    G   C N3    1 
ATOM   403 C C4    . G   C 1 5 ? -0.157  0.941   6.253   1.00 22.20 ? 5    G   C C4    1 
ATOM   404 P P     . A   C 1 6 ? 1.334   -4.805  6.310   1.00 20.43 ? 6    A   C P     1 
ATOM   405 O OP1   . A   C 1 6 ? 1.396   -6.289  6.101   1.00 22.67 ? 6    A   C OP1   1 
ATOM   406 O OP2   . A   C 1 6 ? 2.190   -4.150  7.333   1.00 22.54 ? 6    A   C OP2   1 
ATOM   407 O "O5'" . A   C 1 6 ? 1.685   -4.116  4.938   1.00 20.85 ? 6    A   C "O5'" 1 
ATOM   408 C "C5'" . A   C 1 6 ? 1.317   -4.588  3.692   1.00 21.65 ? 6    A   C "C5'" 1 
ATOM   409 C "C4'" . A   C 1 6 ? 1.997   -3.815  2.566   1.00 21.52 ? 6    A   C "C4'" 1 
ATOM   410 O "O4'" . A   C 1 6 ? 1.589   -2.436  2.604   1.00 20.11 ? 6    A   C "O4'" 1 
ATOM   411 C "C3'" . A   C 1 6 ? 3.525   -3.673  2.663   1.00 21.13 ? 6    A   C "C3'" 1 
ATOM   412 O "O3'" . A   C 1 6 ? 4.112   -4.773  2.041   1.00 21.29 ? 6    A   C "O3'" 1 
ATOM   413 C "C2'" . A   C 1 6 ? 3.779   -2.477  1.790   1.00 19.86 ? 6    A   C "C2'" 1 
ATOM   414 O "O2'" . A   C 1 6 ? 3.433   -2.746  0.452   1.00 22.64 ? 6    A   C "O2'" 1 
ATOM   415 C "C1'" . A   C 1 6 ? 2.689   -1.583  2.310   1.00 21.60 ? 6    A   C "C1'" 1 
ATOM   416 N N9    . A   C 1 6 ? 3.017   -0.852  3.510   1.00 19.54 ? 6    A   C N9    1 
ATOM   417 C C8    . A   C 1 6 ? 2.732   -1.077  4.837   1.00 20.11 ? 6    A   C C8    1 
ATOM   418 N N7    . A   C 1 6 ? 3.200   -0.165  5.680   1.00 21.16 ? 6    A   C N7    1 
ATOM   419 C C5    . A   C 1 6 ? 3.879   0.672   4.877   1.00 18.04 ? 6    A   C C5    1 
ATOM   420 C C6    . A   C 1 6 ? 4.606   1.862   5.172   1.00 21.13 ? 6    A   C C6    1 
ATOM   421 N N6    . A   C 1 6 ? 4.794   2.376   6.385   1.00 22.03 ? 6    A   C N6    1 
ATOM   422 N N1    . A   C 1 6 ? 5.193   2.442   4.079   1.00 21.77 ? 6    A   C N1    1 
ATOM   423 C C2    . A   C 1 6 ? 5.055   1.999   2.849   1.00 20.69 ? 6    A   C C2    1 
ATOM   424 N N3    . A   C 1 6 ? 4.350   0.925   2.464   1.00 20.03 ? 6    A   C N3    1 
ATOM   425 C C4    . A   C 1 6 ? 3.801   0.324   3.549   1.00 21.20 ? 6    A   C C4    1 
ATOM   426 P P     . G   C 1 7 ? 5.474   -5.323  2.542   1.00 19.71 ? 7    G   C P     1 
ATOM   427 O OP1   . G   C 1 7 ? 5.665   -6.641  1.844   1.00 21.02 ? 7    G   C OP1   1 
ATOM   428 O OP2   . G   C 1 7 ? 5.526   -5.339  3.984   1.00 22.89 ? 7    G   C OP2   1 
ATOM   429 O "O5'" . G   C 1 7 ? 6.587   -4.227  2.037   1.00 21.67 ? 7    G   C "O5'" 1 
ATOM   430 C "C5'" . G   C 1 7 ? 6.688   -3.829  0.608   1.00 20.27 ? 7    G   C "C5'" 1 
ATOM   431 C "C4'" . G   C 1 7 ? 7.582   -2.599  0.421   1.00 23.33 ? 7    G   C "C4'" 1 
ATOM   432 O "O4'" . G   C 1 7 ? 6.912   -1.583  1.141   1.00 21.77 ? 7    G   C "O4'" 1 
ATOM   433 C "C3'" . G   C 1 7 ? 8.886   -2.725  1.142   1.00 23.66 ? 7    G   C "C3'" 1 
ATOM   434 O "O3'" . G   C 1 7 ? 9.828   -3.627  0.376   1.00 24.06 ? 7    G   C "O3'" 1 
ATOM   435 C "C2'" . G   C 1 7 ? 9.229   -1.204  1.161   1.00 24.60 ? 7    G   C "C2'" 1 
ATOM   436 O "O2'" . G   C 1 7 ? 9.681   -0.708  -0.108  1.00 25.29 ? 7    G   C "O2'" 1 
ATOM   437 C "C1'" . G   C 1 7 ? 7.865   -0.604  1.546   1.00 20.78 ? 7    G   C "C1'" 1 
ATOM   438 N N9    . G   C 1 7 ? 7.702   -0.362  2.992   1.00 20.48 ? 7    G   C N9    1 
ATOM   439 C C8    . G   C 1 7 ? 7.128   -1.082  4.023   1.00 21.38 ? 7    G   C C8    1 
ATOM   440 N N7    . G   C 1 7 ? 7.209   -0.530  5.239   1.00 21.23 ? 7    G   C N7    1 
ATOM   441 C C5    . G   C 1 7 ? 7.921   0.648   4.954   1.00 20.07 ? 7    G   C C5    1 
ATOM   442 C C6    . G   C 1 7 ? 8.313   1.692   5.867   1.00 27.03 ? 7    G   C C6    1 
ATOM   443 O O6    . G   C 1 7 ? 8.114   1.695   7.096   1.00 30.24 ? 7    G   C O6    1 
ATOM   444 N N1    . G   C 1 7 ? 9.016   2.770   5.269   1.00 25.18 ? 7    G   C N1    1 
ATOM   445 C C2    . G   C 1 7 ? 9.274   2.824   3.911   1.00 24.99 ? 7    G   C C2    1 
ATOM   446 N N2    . G   C 1 7 ? 9.977   3.956   3.566   1.00 22.18 ? 7    G   C N2    1 
ATOM   447 N N3    . G   C 1 7 ? 8.918   1.829   3.019   1.00 24.89 ? 7    G   C N3    1 
ATOM   448 C C4    . G   C 1 7 ? 8.236   0.797   3.612   1.00 21.54 ? 7    G   C C4    1 
ATOM   449 O "O5'" . C   D 2 1 ? 9.837   10.152  9.464   1.00 28.31 ? 66   C   D "O5'" 1 
ATOM   450 C "C5'" . C   D 2 1 ? 10.897  10.811  8.791   1.00 27.32 ? 66   C   D "C5'" 1 
ATOM   451 C "C4'" . C   D 2 1 ? 11.246  10.212  7.433   1.00 24.06 ? 66   C   D "C4'" 1 
ATOM   452 O "O4'" . C   D 2 1 ? 11.855  8.949   7.606   1.00 23.72 ? 66   C   D "O4'" 1 
ATOM   453 C "C3'" . C   D 2 1 ? 10.147  9.935   6.449   1.00 24.37 ? 66   C   D "C3'" 1 
ATOM   454 O "O3'" . C   D 2 1 ? 9.870   11.079  5.712   1.00 24.26 ? 66   C   D "O3'" 1 
ATOM   455 C "C2'" . C   D 2 1 ? 10.780  8.873   5.558   1.00 23.84 ? 66   C   D "C2'" 1 
ATOM   456 O "O2'" . C   D 2 1 ? 11.760  9.337   4.667   1.00 25.53 ? 66   C   D "O2'" 1 
ATOM   457 C "C1'" . C   D 2 1 ? 11.442  8.022   6.617   1.00 22.72 ? 66   C   D "C1'" 1 
ATOM   458 N N1    . C   D 2 1 ? 10.581  6.958   7.172   1.00 21.27 ? 66   C   D N1    1 
ATOM   459 C C2    . C   D 2 1 ? 10.298  5.797   6.419   1.00 21.19 ? 66   C   D C2    1 
ATOM   460 O O2    . C   D 2 1 ? 10.726  5.694   5.291   1.00 25.29 ? 66   C   D O2    1 
ATOM   461 N N3    . C   D 2 1 ? 9.527   4.849   6.933   1.00 26.36 ? 66   C   D N3    1 
ATOM   462 C C4    . C   D 2 1 ? 9.035   4.944   8.143   1.00 26.14 ? 66   C   D C4    1 
ATOM   463 N N4    . C   D 2 1 ? 8.299   3.871   8.523   1.00 29.28 ? 66   C   D N4    1 
ATOM   464 C C5    . C   D 2 1 ? 9.309   6.074   8.957   1.00 24.52 ? 66   C   D C5    1 
ATOM   465 C C6    . C   D 2 1 ? 10.068  7.014   8.430   1.00 24.16 ? 66   C   D C6    1 
ATOM   466 P P     . U   D 2 2 ? 8.448   11.444  5.170   1.00 20.54 ? 67   U   D P     1 
ATOM   467 O OP1   . U   D 2 2 ? 8.427   12.773  4.600   1.00 28.28 ? 67   U   D OP1   1 
ATOM   468 O OP2   . U   D 2 2 ? 7.337   11.059  6.059   1.00 25.45 ? 67   U   D OP2   1 
ATOM   469 O "O5'" . U   D 2 2 ? 8.374   10.449  3.998   1.00 19.65 ? 67   U   D "O5'" 1 
ATOM   470 C "C5'" . U   D 2 2 ? 9.059   10.674  2.776   1.00 22.43 ? 67   U   D "C5'" 1 
ATOM   471 C "C4'" . U   D 2 2 ? 8.853   9.490   1.820   1.00 21.95 ? 67   U   D "C4'" 1 
ATOM   472 O "O4'" . U   D 2 2 ? 9.288   8.250   2.451   1.00 21.86 ? 67   U   D "O4'" 1 
ATOM   473 C "C3'" . U   D 2 2 ? 7.413   9.214   1.582   1.00 24.02 ? 67   U   D "C3'" 1 
ATOM   474 O "O3'" . U   D 2 2 ? 6.920   10.083  0.609   1.00 26.28 ? 67   U   D "O3'" 1 
ATOM   475 C "C2'" . U   D 2 2 ? 7.466   7.794   1.037   1.00 22.03 ? 67   U   D "C2'" 1 
ATOM   476 O "O2'" . U   D 2 2 ? 8.143   7.586   -0.210  1.00 25.03 ? 67   U   D "O2'" 1 
ATOM   477 C "C1'" . U   D 2 2 ? 8.328   7.206   2.099   1.00 21.55 ? 67   U   D "C1'" 1 
ATOM   478 N N1    . U   D 2 2 ? 7.683   6.697   3.362   1.00 20.37 ? 67   U   D N1    1 
ATOM   479 C C2    . U   D 2 2 ? 7.148   5.451   3.247   1.00 23.14 ? 67   U   D C2    1 
ATOM   480 O O2    . U   D 2 2 ? 7.215   4.897   2.174   1.00 20.48 ? 67   U   D O2    1 
ATOM   481 N N3    . U   D 2 2 ? 6.611   4.914   4.411   1.00 22.76 ? 67   U   D N3    1 
ATOM   482 C C4    . U   D 2 2 ? 6.516   5.490   5.651   1.00 23.09 ? 67   U   D C4    1 
ATOM   483 O O4    . U   D 2 2 ? 6.033   4.880   6.597   1.00 24.51 ? 67   U   D O4    1 
ATOM   484 C C5    . U   D 2 2 ? 7.060   6.835   5.677   1.00 21.28 ? 67   U   D C5    1 
ATOM   485 C C6    . U   D 2 2 ? 7.575   7.378   4.575   1.00 20.28 ? 67   U   D C6    1 
ATOM   486 P P     . C   D 2 3 ? 5.430   10.573  0.641   1.00 24.76 ? 68   C   D P     1 
ATOM   487 O OP1   . C   D 2 3 ? 5.270   11.477  -0.548  1.00 28.59 ? 68   C   D OP1   1 
ATOM   488 O OP2   . C   D 2 3 ? 4.967   10.925  1.979   1.00 27.77 ? 68   C   D OP2   1 
ATOM   489 O "O5'" . C   D 2 3 ? 4.564   9.287   0.281   1.00 24.03 ? 68   C   D "O5'" 1 
ATOM   490 C "C5'" . C   D 2 3 ? 4.788   8.696   -0.985  1.00 23.79 ? 68   C   D "C5'" 1 
ATOM   491 C "C4'" . C   D 2 3 ? 4.022   7.402   -1.145  1.00 24.06 ? 68   C   D "C4'" 1 
ATOM   492 O "O4'" . C   D 2 3 ? 4.657   6.530   -0.178  1.00 24.62 ? 68   C   D "O4'" 1 
ATOM   493 C "C3'" . C   D 2 3 ? 2.610   7.446   -0.618  1.00 26.88 ? 68   C   D "C3'" 1 
ATOM   494 O "O3'" . C   D 2 3 ? 1.706   7.931   -1.611  1.00 24.48 ? 68   C   D "O3'" 1 
ATOM   495 C "C2'" . C   D 2 3 ? 2.403   5.966   -0.355  1.00 26.30 ? 68   C   D "C2'" 1 
ATOM   496 O "O2'" . C   D 2 3 ? 2.260   5.195   -1.499  1.00 25.40 ? 68   C   D "O2'" 1 
ATOM   497 C "C1'" . C   D 2 3 ? 3.685   5.619   0.325   1.00 24.57 ? 68   C   D "C1'" 1 
ATOM   498 N N1    . C   D 2 3 ? 3.564   5.776   1.897   1.00 24.78 ? 68   C   D N1    1 
ATOM   499 C C2    . C   D 2 3 ? 2.944   4.768   2.615   1.00 24.11 ? 68   C   D C2    1 
ATOM   500 O O2    . C   D 2 3 ? 2.551   3.804   1.958   1.00 24.11 ? 68   C   D O2    1 
ATOM   501 N N3    . C   D 2 3 ? 2.843   4.836   3.969   1.00 26.20 ? 68   C   D N3    1 
ATOM   502 C C4    . C   D 2 3 ? 3.284   5.917   4.571   1.00 26.96 ? 68   C   D C4    1 
ATOM   503 N N4    . C   D 2 3 ? 3.150   5.973   5.906   1.00 27.53 ? 68   C   D N4    1 
ATOM   504 C C5    . C   D 2 3 ? 3.884   6.988   3.874   1.00 24.40 ? 68   C   D C5    1 
ATOM   505 C C6    . C   D 2 3 ? 3.999   6.917   2.547   1.00 26.43 ? 68   C   D C6    1 
ATOM   506 P P     . C   D 2 4 ? 0.320   8.484   -1.257  1.00 20.82 ? 69   C   D P     1 
ATOM   507 O OP1   . C   D 2 4 ? -0.206  9.153   -2.522  1.00 24.55 ? 69   C   D OP1   1 
ATOM   508 O OP2   . C   D 2 4 ? 0.252   9.259   -0.025  1.00 25.44 ? 69   C   D OP2   1 
ATOM   509 O "O5'" . C   D 2 4 ? -0.677  7.248   -1.026  1.00 21.83 ? 69   C   D "O5'" 1 
ATOM   510 C "C5'" . C   D 2 4 ? -1.026  6.407   -2.031  1.00 22.08 ? 69   C   D "C5'" 1 
ATOM   511 C "C4'" . C   D 2 4 ? -1.929  5.313   -1.529  1.00 22.04 ? 69   C   D "C4'" 1 
ATOM   512 O "O4'" . C   D 2 4 ? -1.098  4.528   -0.662  1.00 22.86 ? 69   C   D "O4'" 1 
ATOM   513 C "C3'" . C   D 2 4 ? -3.081  5.678   -0.609  1.00 22.40 ? 69   C   D "C3'" 1 
ATOM   514 O "O3'" . C   D 2 4 ? -4.216  6.225   -1.328  1.00 23.04 ? 69   C   D "O3'" 1 
ATOM   515 C "C2'" . C   D 2 4 ? -3.353  4.343   0.040   1.00 21.08 ? 69   C   D "C2'" 1 
ATOM   516 O "O2'" . C   D 2 4 ? -3.857  3.347   -0.819  1.00 19.26 ? 69   C   D "O2'" 1 
ATOM   517 C "C1'" . C   D 2 4 ? -1.920  4.046   0.399   1.00 21.86 ? 69   C   D "C1'" 1 
ATOM   518 N N1    . C   D 2 4 ? -1.462  4.600   1.750   1.00 21.08 ? 69   C   D N1    1 
ATOM   519 C C2    . C   D 2 4 ? -1.844  3.944   2.947   1.00 19.29 ? 69   C   D C2    1 
ATOM   520 O O2    . C   D 2 4 ? -2.570  2.909   2.888   1.00 20.94 ? 69   C   D O2    1 
ATOM   521 N N3    . C   D 2 4 ? -1.444  4.428   4.136   1.00 21.07 ? 69   C   D N3    1 
ATOM   522 C C4    . C   D 2 4 ? -0.667  5.510   4.240   1.00 23.01 ? 69   C   D C4    1 
ATOM   523 N N4    . C   D 2 4 ? -0.316  5.916   5.514   1.00 22.45 ? 69   C   D N4    1 
ATOM   524 C C5    . C   D 2 4 ? -0.301  6.182   3.064   1.00 20.41 ? 69   C   D C5    1 
ATOM   525 C C6    . C   D 2 4 ? -0.663  5.722   1.854   1.00 22.29 ? 69   C   D C6    1 
ATOM   526 P P     . C   D 2 5 ? -5.242  7.180   -0.624  1.00 20.60 ? 70   C   D P     1 
ATOM   527 O OP1   . C   D 2 5 ? -6.107  7.560   -1.725  1.00 22.01 ? 70   C   D OP1   1 
ATOM   528 O OP2   . C   D 2 5 ? -4.585  8.199   0.135   1.00 22.07 ? 70   C   D OP2   1 
ATOM   529 O "O5'" . C   D 2 5 ? -6.132  6.378   0.349   1.00 21.82 ? 70   C   D "O5'" 1 
ATOM   530 C "C5'" . C   D 2 5 ? -6.770  5.139   -0.022  1.00 20.97 ? 70   C   D "C5'" 1 
ATOM   531 C "C4'" . C   D 2 5 ? -7.233  4.374   1.185   1.00 21.85 ? 70   C   D "C4'" 1 
ATOM   532 O "O4'" . C   D 2 5 ? -6.089  3.898   1.954   1.00 20.96 ? 70   C   D "O4'" 1 
ATOM   533 C "C3'" . C   D 2 5 ? -8.116  5.044   2.242   1.00 21.26 ? 70   C   D "C3'" 1 
ATOM   534 O "O3'" . C   D 2 5 ? -9.431  5.261   1.756   1.00 19.64 ? 70   C   D "O3'" 1 
ATOM   535 C "C2'" . C   D 2 5 ? -7.944  4.047   3.398   1.00 18.79 ? 70   C   D "C2'" 1 
ATOM   536 O "O2'" . C   D 2 5 ? -8.520  2.774   3.216   1.00 22.46 ? 70   C   D "O2'" 1 
ATOM   537 C "C1'" . C   D 2 5 ? -6.435  3.806   3.323   1.00 19.93 ? 70   C   D "C1'" 1 
ATOM   538 N N1    . C   D 2 5 ? -5.567  4.841   4.009   1.00 23.24 ? 70   C   D N1    1 
ATOM   539 C C2    . C   D 2 5 ? -5.411  4.765   5.408   1.00 22.11 ? 70   C   D C2    1 
ATOM   540 O O2    . C   D 2 5 ? -6.015  3.910   6.006   1.00 26.05 ? 70   C   D O2    1 
ATOM   541 N N3    . C   D 2 5 ? -4.646  5.649   6.048   1.00 21.31 ? 70   C   D N3    1 
ATOM   542 C C4    . C   D 2 5 ? -3.991  6.548   5.390   1.00 21.09 ? 70   C   D C4    1 
ATOM   543 N N4    . C   D 2 5 ? -3.236  7.431   6.146   1.00 23.03 ? 70   C   D N4    1 
ATOM   544 C C5    . C   D 2 5 ? -4.160  6.701   3.981   1.00 21.54 ? 70   C   D C5    1 
ATOM   545 C C6    . C   D 2 5 ? -4.917  5.800   3.341   1.00 21.60 ? 70   C   D C6    1 
ATOM   546 P P     . G   D 2 6 ? -10.473 6.236   2.426   1.00 20.31 ? 71   G   D P     1 
ATOM   547 O OP1   . G   D 2 6 ? -11.697 6.263   1.631   1.00 25.18 ? 71   G   D OP1   1 
ATOM   548 O OP2   . G   D 2 6 ? -9.746  7.523   2.612   1.00 20.69 ? 71   G   D OP2   1 
ATOM   549 O "O5'" . G   D 2 6 ? -10.660 5.799   3.891   1.00 22.09 ? 71   G   D "O5'" 1 
ATOM   550 C "C5'" . G   D 2 6 ? -11.470 4.691   4.191   1.00 21.27 ? 71   G   D "C5'" 1 
ATOM   551 C "C4'" . G   D 2 6 ? -11.500 4.588   5.690   1.00 23.12 ? 71   G   D "C4'" 1 
ATOM   552 O "O4'" . G   D 2 6 ? -10.180 4.322   6.201   1.00 22.38 ? 71   G   D "O4'" 1 
ATOM   553 C "C3'" . G   D 2 6 ? -11.986 5.867   6.382   1.00 18.93 ? 71   G   D "C3'" 1 
ATOM   554 O "O3'" . G   D 2 6 ? -13.415 5.896   6.408   1.00 20.70 ? 71   G   D "O3'" 1 
ATOM   555 C "C2'" . G   D 2 6 ? -11.459 5.556   7.788   1.00 19.55 ? 71   G   D "C2'" 1 
ATOM   556 O "O2'" . G   D 2 6 ? -12.179 4.525   8.469   1.00 23.05 ? 71   G   D "O2'" 1 
ATOM   557 C "C1'" . G   D 2 6 ? -10.058 5.020   7.427   1.00 19.77 ? 71   G   D "C1'" 1 
ATOM   558 N N9    . G   D 2 6 ? -9.058  6.088   7.301   1.00 18.64 ? 71   G   D N9    1 
ATOM   559 C C8    . G   D 2 6 ? -8.466  6.554   6.207   1.00 19.32 ? 71   G   D C8    1 
ATOM   560 N N7    . G   D 2 6 ? -7.597  7.514   6.518   1.00 21.38 ? 71   G   D N7    1 
ATOM   561 C C5    . G   D 2 6 ? -7.553  7.574   7.907   1.00 21.28 ? 71   G   D C5    1 
ATOM   562 C C6    . G   D 2 6 ? -6.811  8.395   8.800   1.00 20.93 ? 71   G   D C6    1 
ATOM   563 O O6    . G   D 2 6 ? -5.955  9.225   8.576   1.00 20.70 ? 71   G   D O6    1 
ATOM   564 N N1    . G   D 2 6 ? -7.127  8.143   10.143  1.00 19.83 ? 71   G   D N1    1 
ATOM   565 C C2    . G   D 2 6 ? -8.080  7.183   10.495  1.00 21.53 ? 71   G   D C2    1 
ATOM   566 N N2    . G   D 2 6 ? -8.304  6.992   11.787  1.00 26.42 ? 71   G   D N2    1 
ATOM   567 N N3    . G   D 2 6 ? -8.768  6.421   9.685   1.00 20.94 ? 71   G   D N3    1 
ATOM   568 C C4    . G   D 2 6 ? -8.447  6.678   8.399   1.00 20.55 ? 71   G   D C4    1 
ATOM   569 P P     . C   D 2 7 ? -14.134 7.288   6.362   1.00 22.92 ? 72   C   D P     1 
ATOM   570 O OP1   . C   D 2 7 ? -15.537 6.968   6.121   1.00 25.07 ? 72   C   D OP1   1 
ATOM   571 O OP2   . C   D 2 7 ? -13.449 8.331   5.605   1.00 24.96 ? 72   C   D OP2   1 
ATOM   572 O "O5'" . C   D 2 7 ? -13.864 7.791   7.854   1.00 21.97 ? 72   C   D "O5'" 1 
ATOM   573 C "C5'" . C   D 2 7 ? -14.384 7.093   9.016   1.00 19.93 ? 72   C   D "C5'" 1 
ATOM   574 C "C4'" . C   D 2 7 ? -13.899 7.702   10.315  1.00 23.39 ? 72   C   D "C4'" 1 
ATOM   575 O "O4'" . C   D 2 7 ? -12.472 7.645   10.335  1.00 20.36 ? 72   C   D "O4'" 1 
ATOM   576 C "C3'" . C   D 2 7 ? -14.131 9.176   10.490  1.00 23.51 ? 72   C   D "C3'" 1 
ATOM   577 O "O3'" . C   D 2 7 ? -15.530 9.464   10.865  1.00 24.34 ? 72   C   D "O3'" 1 
ATOM   578 C "C2'" . C   D 2 7 ? -13.140 9.520   11.624  1.00 23.51 ? 72   C   D "C2'" 1 
ATOM   579 O "O2'" . C   D 2 7 ? -13.632 9.084   12.919  1.00 21.46 ? 72   C   D "O2'" 1 
ATOM   580 C "C1'" . C   D 2 7 ? -11.945 8.694   11.155  1.00 22.80 ? 72   C   D "C1'" 1 
ATOM   581 N N1    . C   D 2 7 ? -10.929 9.406   10.380  1.00 20.89 ? 72   C   D N1    1 
ATOM   582 C C2    . C   D 2 7 ? -9.953  10.207  11.013  1.00 20.39 ? 72   C   D C2    1 
ATOM   583 O O2    . C   D 2 7 ? -9.875  10.259  12.224  1.00 23.39 ? 72   C   D O2    1 
ATOM   584 N N3    . C   D 2 7 ? -9.051  10.842  10.223  1.00 25.87 ? 72   C   D N3    1 
ATOM   585 C C4    . C   D 2 7 ? -9.095  10.805  8.935   1.00 23.39 ? 72   C   D C4    1 
ATOM   586 N N4    . C   D 2 7 ? -8.166  11.502  8.286   1.00 28.35 ? 72   C   D N4    1 
ATOM   587 C C5    . C   D 2 7 ? -10.071 10.089  8.263   1.00 23.23 ? 72   C   D C5    1 
ATOM   588 C C6    . C   D 2 7 ? -10.949 9.409   8.989   1.00 22.64 ? 72   C   D C6    1 
HETATM 589 O O     . HOH E 3 . ? -5.271  -18.798 -2.790  1.00 31.45 ? 2001 HOH A O     1 
HETATM 590 O O     . HOH E 3 . ? -0.828  -17.862 -1.219  1.00 29.28 ? 2002 HOH A O     1 
HETATM 591 O O     . HOH E 3 . ? 0.608   -16.148 0.385   1.00 34.10 ? 2003 HOH A O     1 
HETATM 592 O O     . HOH E 3 . ? -7.927  -16.916 -3.509  1.00 36.06 ? 2004 HOH A O     1 
HETATM 593 O O     . HOH E 3 . ? 1.597   -12.292 -8.624  1.00 40.70 ? 2005 HOH A O     1 
HETATM 594 O O     . HOH E 3 . ? -5.610  -10.659 -4.979  1.00 44.31 ? 2006 HOH A O     1 
HETATM 595 O O     . HOH E 3 . ? -7.894  -8.659  -0.501  1.00 40.95 ? 2007 HOH A O     1 
HETATM 596 O O     . HOH E 3 . ? -0.062  0.842   1.096   1.00 28.56 ? 2008 HOH A O     1 
HETATM 597 O O     . HOH E 3 . ? 5.378   -0.241  -4.597  1.00 30.81 ? 2009 HOH A O     1 
HETATM 598 O O     . HOH E 3 . ? 2.807   4.142   -4.616  0.50 28.21 ? 2010 HOH A O     1 
HETATM 599 O O     . HOH E 3 . ? 2.812   1.616   -7.523  1.00 23.13 ? 2011 HOH A O     1 
HETATM 600 O O     . HOH E 3 . ? -4.408  -3.341  -3.261  1.00 33.24 ? 2012 HOH A O     1 
HETATM 601 O O     . HOH E 3 . ? -3.888  -3.832  -5.839  1.00 36.87 ? 2013 HOH A O     1 
HETATM 602 O O     . HOH E 3 . ? -3.773  0.638   1.858   1.00 37.67 ? 2014 HOH A O     1 
HETATM 603 O O     . HOH E 3 . ? -4.277  7.574   -4.208  1.00 44.23 ? 2015 HOH A O     1 
HETATM 604 O O     . HOH E 3 . ? -5.363  3.638   -3.324  1.00 29.30 ? 2016 HOH A O     1 
HETATM 605 O O     . HOH E 3 . ? -4.738  3.965   -7.852  1.00 34.17 ? 2017 HOH A O     1 
HETATM 606 O O     . HOH E 3 . ? 2.179   1.682   -12.829 1.00 34.36 ? 2018 HOH A O     1 
HETATM 607 O O     . HOH E 3 . ? 1.485   7.942   -10.846 1.00 32.61 ? 2019 HOH A O     1 
HETATM 608 O O     . HOH E 3 . ? -5.705  2.862   -10.057 1.00 42.14 ? 2020 HOH A O     1 
HETATM 609 O O     . HOH E 3 . ? -6.627  6.770   -7.818  1.00 43.57 ? 2021 HOH A O     1 
HETATM 610 O O     . HOH E 3 . ? -3.107  9.434   -8.134  1.00 31.53 ? 2022 HOH A O     1 
HETATM 611 O O     . HOH F 3 . ? -0.165  -11.268 -18.980 1.00 42.81 ? 2001 HOH B O     1 
HETATM 612 O O     . HOH F 3 . ? -4.372  -11.357 -20.237 1.00 30.34 ? 2002 HOH B O     1 
HETATM 613 O O     . HOH F 3 . ? -0.663  -8.445  -14.445 1.00 37.71 ? 2003 HOH B O     1 
HETATM 614 O O     . HOH F 3 . ? 6.409   -0.057  -7.509  1.00 30.90 ? 2004 HOH B O     1 
HETATM 615 O O     . HOH F 3 . ? 3.033   -7.248  -13.224 1.00 33.65 ? 2005 HOH B O     1 
HETATM 616 O O     . HOH F 3 . ? 1.544   -7.686  -11.072 1.00 39.51 ? 2006 HOH B O     1 
HETATM 617 O O     . HOH F 3 . ? 10.136  -7.099  -12.265 1.00 40.56 ? 2007 HOH B O     1 
HETATM 618 O O     . HOH F 3 . ? 4.637   -8.202  -9.669  1.00 34.50 ? 2008 HOH B O     1 
HETATM 619 O O     . HOH F 3 . ? 6.789   -6.715  -10.819 1.00 28.98 ? 2009 HOH B O     1 
HETATM 620 O O     . HOH F 3 . ? 5.001   -2.175  -1.937  1.00 29.05 ? 2010 HOH B O     1 
HETATM 621 O O     . HOH F 3 . ? 11.278  -1.991  -2.300  1.00 23.07 ? 2011 HOH B O     1 
HETATM 622 O O     . HOH F 3 . ? 9.882   -6.766  2.778   1.00 26.14 ? 2012 HOH B O     1 
HETATM 623 O O     . HOH F 3 . ? 4.540   -10.998 -7.958  1.00 37.19 ? 2013 HOH B O     1 
HETATM 624 O O     . HOH F 3 . ? 7.532   -9.069  -6.977  1.00 31.60 ? 2014 HOH B O     1 
HETATM 625 O O     . HOH F 3 . ? 13.214  -11.828 2.411   1.00 37.61 ? 2015 HOH B O     1 
HETATM 626 O O     . HOH F 3 . ? 10.171  -10.591 -3.823  1.00 34.80 ? 2016 HOH B O     1 
HETATM 627 O O     . HOH F 3 . ? 14.491  -8.688  -0.162  1.00 34.12 ? 2017 HOH B O     1 
HETATM 628 O O     . HOH G 3 . ? -2.967  14.371  19.869  1.00 41.29 ? 2001 HOH C O     1 
HETATM 629 O O     . HOH G 3 . ? -6.904  13.494  17.765  1.00 28.42 ? 2002 HOH C O     1 
HETATM 630 O O     . HOH G 3 . ? -6.406  7.829   20.203  1.00 23.90 ? 2003 HOH C O     1 
HETATM 631 O O     . HOH G 3 . ? -0.590  9.152   14.465  1.00 27.99 ? 2004 HOH C O     1 
HETATM 632 O O     . HOH G 3 . ? 1.200   8.418   18.474  1.00 42.18 ? 2005 HOH C O     1 
HETATM 633 O O     . HOH G 3 . ? -4.189  5.887   20.913  1.00 33.49 ? 2006 HOH C O     1 
HETATM 634 O O     . HOH G 3 . ? -0.929  8.968   11.711  1.00 38.60 ? 2007 HOH C O     1 
HETATM 635 O O     . HOH G 3 . ? -8.028  2.396   8.539   1.00 28.14 ? 2008 HOH C O     1 
HETATM 636 O O     . HOH G 3 . ? -7.745  2.812   11.925  1.00 26.49 ? 2009 HOH C O     1 
HETATM 637 O O     . HOH G 3 . ? -0.249  5.046   11.411  1.00 32.77 ? 2010 HOH C O     1 
HETATM 638 O O     . HOH G 3 . ? -0.231  -1.505  16.130  1.00 39.51 ? 2011 HOH C O     1 
HETATM 639 O O     . HOH G 3 . ? -5.194  -4.469  10.915  1.00 27.21 ? 2012 HOH C O     1 
HETATM 640 O O     . HOH G 3 . ? -1.244  4.917   13.865  1.00 34.58 ? 2013 HOH C O     1 
HETATM 641 O O     . HOH G 3 . ? 1.999   -1.165  10.645  1.00 29.58 ? 2014 HOH C O     1 
HETATM 642 O O     . HOH G 3 . ? -0.142  0.854   12.449  1.00 34.40 ? 2015 HOH C O     1 
HETATM 643 O O     . HOH G 3 . ? 0.879   2.715   10.632  1.00 34.30 ? 2016 HOH C O     1 
HETATM 644 O O     . HOH G 3 . ? -2.416  -5.574  4.320   1.00 27.35 ? 2017 HOH C O     1 
HETATM 645 O O     . HOH G 3 . ? 2.439   -1.343  7.842   1.00 34.32 ? 2018 HOH C O     1 
HETATM 646 O O     . HOH G 3 . ? 4.864   -3.725  6.300   1.00 29.69 ? 2019 HOH C O     1 
HETATM 647 O O     . HOH G 3 . ? 4.192   2.308   9.099   1.00 37.33 ? 2020 HOH C O     1 
HETATM 648 O O     . HOH G 3 . ? 2.850   -4.490  10.012  1.00 35.02 ? 2021 HOH C O     1 
HETATM 649 O O     . HOH G 3 . ? 12.434  -3.735  0.993   1.00 32.16 ? 2022 HOH C O     1 
HETATM 650 O O     . HOH G 3 . ? 3.414   -7.945  1.258   1.00 28.45 ? 2023 HOH C O     1 
HETATM 651 O O     . HOH G 3 . ? 8.767   3.123   0.632   1.00 28.76 ? 2024 HOH C O     1 
HETATM 652 O O     . HOH G 3 . ? 5.558   -9.371  3.847   1.00 40.16 ? 2025 HOH C O     1 
HETATM 653 O O     . HOH H 3 . ? 7.351   10.785  8.852   1.00 28.75 ? 2001 HOH D O     1 
HETATM 654 O O     . HOH H 3 . ? 12.582  7.130   3.018   1.00 28.31 ? 2002 HOH D O     1 
HETATM 655 O O     . HOH H 3 . ? 12.594  12.117  3.813   1.00 29.10 ? 2003 HOH D O     1 
HETATM 656 O O     . HOH H 3 . ? 10.155  9.166   11.766  1.00 32.11 ? 2004 HOH D O     1 
HETATM 657 O O     . HOH H 3 . ? 6.794   13.826  3.019   1.00 33.90 ? 2005 HOH D O     1 
HETATM 658 O O     . HOH H 3 . ? 5.038   10.336  5.130   1.00 26.94 ? 2006 HOH D O     1 
HETATM 659 O O     . HOH H 3 . ? 9.028   14.190  1.334   1.00 41.47 ? 2007 HOH D O     1 
HETATM 660 O O     . HOH H 3 . ? 9.618   9.265   -1.927  1.00 27.45 ? 2008 HOH D O     1 
HETATM 661 O O     . HOH H 3 . ? 1.914   5.761   -4.249  0.50 23.24 ? 2009 HOH D O     1 
HETATM 662 O O     . HOH H 3 . ? 3.979   8.453   6.576   1.00 35.02 ? 2010 HOH D O     1 
HETATM 663 O O     . HOH H 3 . ? 0.790   8.648   5.026   1.00 28.92 ? 2011 HOH D O     1 
HETATM 664 O O     . HOH H 3 . ? -2.134  9.242   1.457   1.00 29.47 ? 2012 HOH D O     1 
HETATM 665 O O     . HOH H 3 . ? 1.656   9.456   2.482   1.00 36.05 ? 2013 HOH D O     1 
HETATM 666 O O     . HOH H 3 . ? -1.929  9.448   4.234   1.00 29.60 ? 2014 HOH D O     1 
HETATM 667 O O     . HOH H 3 . ? -10.783 2.293   1.346   1.00 32.12 ? 2015 HOH D O     1 
HETATM 668 O O     . HOH H 3 . ? -5.819  9.365   2.395   1.00 32.85 ? 2016 HOH D O     1 
HETATM 669 O O     . HOH H 3 . ? -13.551 3.848   1.367   1.00 38.26 ? 2017 HOH D O     1 
HETATM 670 O O     . HOH H 3 . ? -8.480  9.578   1.385   1.00 40.52 ? 2018 HOH D O     1 
HETATM 671 O O     . HOH H 3 . ? -4.678  10.586  6.653   1.00 29.42 ? 2019 HOH D O     1 
HETATM 672 O O     . HOH H 3 . ? -6.575  9.217   4.839   1.00 35.31 ? 2020 HOH D O     1 
HETATM 673 O O     . HOH H 3 . ? -14.525 10.602  6.189   1.00 37.38 ? 2021 HOH D O     1 
HETATM 674 O O     . HOH H 3 . ? -9.069  11.150  5.711   1.00 31.32 ? 2022 HOH D O     1 
HETATM 675 O O     . HOH H 3 . ? -10.813 9.049   4.816   1.00 30.06 ? 2023 HOH D O     1 
HETATM 676 O O     . HOH H 3 . ? -7.418  13.159  6.410   1.00 46.00 ? 2024 HOH D O     1 
# 
